data_3MWY
#
_entry.id   3MWY
#
_cell.length_a   94.333
_cell.length_b   94.333
_cell.length_c   450.088
_cell.angle_alpha   90.00
_cell.angle_beta   90.00
_cell.angle_gamma   120.00
#
_symmetry.space_group_name_H-M   'P 61 2 2'
#
loop_
_entity.id
_entity.type
_entity.pdbx_description
1 polymer 'Chromo domain-containing protein 1'
2 non-polymer 'PHOSPHOTHIOPHOSPHORIC ACID-ADENYLATE ESTER'
#
_entity_poly.entity_id   1
_entity_poly.type   'polypeptide(L)'
_entity_poly.pdbx_seq_one_letter_code
;GPSDDDLLESEDDYGSEEALSEENVHEASANPQPEDFHGIDIVINHRLKTSLEEGKVLEKTVPDLNNCKENYEFLIKWTD
ESHLHNTWETYESIGQVRGLKRLDNYCKQFIIEDQQVRLDPYVTAEDIEIMDMERERRLDEFEEFHVPERIIDSQRASLE
DGTSQLQYLVKWRRLNYDEATWENATDIVKLAPEQVKHFQNRENSKILPQYSSNYTSQRPRFEKLSVQPPFIKGGELRDF
QLTGINWMAFLWSKGDNGILADEMGLGKTVQTVAFISWLIFARRQNGPHIIVVPLSTMPAWLDTFEKWAPDLNCICYMGN
QKSRDTIREYEFYTNPRAKGKKTMKFNVLLTTYEYILKDRAELGSIKWQFMAVDEAHRLKNAESSLYESLNSFKVANRML
ITGTPLQNNIKELAALVNFLMPGRFTIDQEIDFENQDEEQEEYIHDLHRRIQPFILRRLKKDVEKSLPSKTERILRVELS
DVQTEYYKNILTKNYSALTAGAKGGHFSLLNIMNELKKASNHPYLFDNAEERVLQKFGDGKMTRENVLRGLIMSSGKMVL
LDQLLTRLKKDGHRVLIFSQMVRMLDILGDYLSIKGINFQRLDGTVPSAQRRISIDHFNSPDSNDFVFLLSTRAGGLGIN
LMTADTVVIFDSDWNPQADLQAMARAHRIGQKNHVMVYRLVSKDTVEEEVLERARKKMILEYAIISLGVTDGNKYTKKNE
PNAGELSAILKFGAGNMFTATDNQKKLEDLNLDDVLNHAEDHVTTPDLGESHLGGEEFLKQFEVTDYKADIDWDDIIPEE
;
_entity_poly.pdbx_strand_id   W
#
# COMPACT_ATOMS: atom_id res chain seq x y z
N ASP A 36 -30.70 24.05 7.52
CA ASP A 36 -31.08 25.02 8.59
C ASP A 36 -29.83 25.62 9.25
N PHE A 37 -29.11 24.81 10.04
CA PHE A 37 -27.80 25.21 10.62
C PHE A 37 -26.74 25.44 9.51
N HIS A 38 -26.75 26.65 8.93
CA HIS A 38 -25.95 26.99 7.74
C HIS A 38 -24.72 27.85 8.04
N GLY A 39 -23.62 27.55 7.33
CA GLY A 39 -22.36 28.21 7.59
C GLY A 39 -21.14 27.39 7.22
N ILE A 40 -20.34 27.02 8.23
CA ILE A 40 -19.05 26.34 8.03
C ILE A 40 -19.00 24.91 8.58
N ASP A 41 -19.03 23.93 7.67
CA ASP A 41 -18.84 22.56 8.08
C ASP A 41 -17.38 22.45 8.40
N ILE A 42 -16.52 22.54 7.39
CA ILE A 42 -15.06 22.67 7.58
C ILE A 42 -14.31 23.39 6.46
N VAL A 43 -13.08 23.80 6.80
CA VAL A 43 -12.19 24.55 5.92
C VAL A 43 -11.11 23.66 5.35
N ILE A 44 -11.01 23.65 4.03
CA ILE A 44 -10.16 22.71 3.32
C ILE A 44 -8.82 23.30 2.95
N ASN A 45 -8.83 24.43 2.26
CA ASN A 45 -7.60 25.00 1.75
C ASN A 45 -7.59 26.53 1.65
N HIS A 46 -6.57 27.07 0.98
CA HIS A 46 -6.35 28.52 0.95
C HIS A 46 -5.29 28.90 -0.08
N ARG A 47 -5.27 30.16 -0.51
CA ARG A 47 -4.19 30.66 -1.38
C ARG A 47 -4.11 32.16 -1.64
N LEU A 48 -2.91 32.55 -2.07
CA LEU A 48 -2.55 33.83 -2.73
C LEU A 48 -3.62 34.43 -3.68
N LYS A 49 -3.39 35.65 -4.18
CA LYS A 49 -4.38 36.34 -5.04
C LYS A 49 -3.83 37.18 -6.23
N THR A 50 -4.65 38.14 -6.69
CA THR A 50 -4.42 38.97 -7.90
C THR A 50 -3.25 39.98 -7.84
N SER A 51 -2.02 39.46 -7.90
CA SER A 51 -0.75 40.25 -7.97
C SER A 51 0.45 39.41 -8.42
N LYS A 60 4.41 38.29 4.23
CA LYS A 60 5.80 37.83 4.17
C LYS A 60 5.90 36.30 4.38
N THR A 61 6.99 35.92 5.05
CA THR A 61 7.33 34.52 5.29
C THR A 61 6.85 34.06 6.67
N VAL A 62 6.88 34.94 7.68
CA VAL A 62 6.11 34.65 8.89
C VAL A 62 4.87 35.55 8.96
N PRO A 63 3.70 34.98 8.67
CA PRO A 63 2.49 35.76 8.65
C PRO A 63 1.78 35.70 9.99
N ASP A 64 0.96 36.71 10.28
CA ASP A 64 0.10 36.70 11.44
C ASP A 64 -1.32 36.74 10.93
N LEU A 65 -2.28 36.43 11.80
CA LEU A 65 -3.67 36.33 11.40
C LEU A 65 -4.03 37.35 10.33
N ASN A 66 -3.75 38.62 10.59
CA ASN A 66 -4.07 39.71 9.69
C ASN A 66 -3.69 39.46 8.26
N ASN A 67 -2.47 38.99 8.05
CA ASN A 67 -2.03 38.60 6.72
C ASN A 67 -3.06 37.66 6.14
N CYS A 68 -3.26 36.53 6.81
CA CYS A 68 -4.25 35.58 6.36
C CYS A 68 -5.50 36.33 5.94
N LYS A 69 -6.09 37.05 6.90
CA LYS A 69 -7.37 37.72 6.67
C LYS A 69 -7.37 38.52 5.37
N GLU A 70 -6.21 39.06 5.01
CA GLU A 70 -6.13 40.01 3.91
C GLU A 70 -5.67 39.47 2.56
N ASN A 71 -4.88 38.41 2.55
CA ASN A 71 -4.24 37.94 1.31
C ASN A 71 -4.74 36.60 0.76
N TYR A 72 -5.78 36.05 1.38
CA TYR A 72 -6.18 34.69 1.09
C TYR A 72 -7.65 34.48 0.87
N GLU A 73 -7.90 33.56 -0.06
CA GLU A 73 -9.21 32.96 -0.24
C GLU A 73 -9.11 31.57 0.38
N PHE A 74 -10.25 31.07 0.86
CA PHE A 74 -10.31 29.80 1.57
C PHE A 74 -11.37 28.86 0.98
N LEU A 75 -11.16 27.55 1.13
CA LEU A 75 -12.07 26.57 0.59
C LEU A 75 -13.02 26.09 1.67
N ILE A 76 -14.30 26.02 1.34
CA ILE A 76 -15.30 25.73 2.34
C ILE A 76 -16.36 24.74 1.92
N LYS A 77 -16.42 23.61 2.61
CA LYS A 77 -17.65 22.82 2.58
C LYS A 77 -18.56 23.52 3.55
N TRP A 78 -19.71 23.97 3.05
CA TRP A 78 -20.71 24.58 3.89
C TRP A 78 -21.47 23.45 4.61
N THR A 79 -21.97 23.74 5.81
CA THR A 79 -22.87 22.83 6.52
C THR A 79 -24.27 22.96 5.94
N ASP A 80 -24.99 21.84 5.82
CA ASP A 80 -26.18 21.75 4.97
C ASP A 80 -25.72 21.89 3.51
N GLU A 81 -24.95 20.91 3.01
CA GLU A 81 -24.33 21.00 1.67
C GLU A 81 -23.55 19.71 1.33
N SER A 82 -22.61 19.82 0.38
CA SER A 82 -21.63 18.76 0.13
C SER A 82 -20.47 19.33 -0.63
N HIS A 83 -19.55 18.46 -0.99
CA HIS A 83 -18.23 18.89 -1.39
C HIS A 83 -18.05 19.43 -2.80
N LEU A 84 -19.11 19.46 -3.59
CA LEU A 84 -19.03 20.16 -4.87
C LEU A 84 -19.38 21.60 -4.64
N HIS A 85 -20.09 21.82 -3.55
CA HIS A 85 -20.57 23.14 -3.22
C HIS A 85 -19.55 23.91 -2.37
N ASN A 86 -18.30 23.51 -2.50
CA ASN A 86 -17.21 24.24 -1.89
C ASN A 86 -16.92 25.49 -2.68
N THR A 87 -16.67 26.58 -1.96
CA THR A 87 -16.52 27.91 -2.55
C THR A 87 -15.19 28.55 -2.17
N TRP A 88 -14.70 29.44 -3.03
CA TRP A 88 -13.51 30.26 -2.74
C TRP A 88 -13.90 31.63 -2.20
N GLU A 89 -13.83 31.77 -0.87
CA GLU A 89 -14.35 32.95 -0.19
C GLU A 89 -13.24 33.68 0.57
N THR A 90 -13.49 34.94 0.91
CA THR A 90 -12.63 35.70 1.82
C THR A 90 -13.47 36.17 2.98
N TYR A 91 -12.80 36.68 4.00
CA TYR A 91 -13.47 37.09 5.22
C TYR A 91 -14.69 37.97 4.98
N GLU A 92 -14.51 39.03 4.20
CA GLU A 92 -15.57 40.02 3.89
C GLU A 92 -16.48 39.55 2.75
N SER A 93 -16.10 38.43 2.12
CA SER A 93 -16.92 37.83 1.07
C SER A 93 -17.89 36.82 1.68
N ILE A 94 -17.71 36.51 2.97
CA ILE A 94 -18.60 35.59 3.68
C ILE A 94 -19.39 36.25 4.81
N GLY A 95 -18.71 37.11 5.59
CA GLY A 95 -19.36 37.90 6.64
C GLY A 95 -19.78 37.13 7.88
N GLN A 96 -21.04 37.33 8.27
CA GLN A 96 -21.58 36.75 9.51
C GLN A 96 -22.13 35.35 9.34
N VAL A 97 -21.42 34.38 9.93
CA VAL A 97 -21.74 32.97 9.73
C VAL A 97 -21.42 32.10 10.96
N ARG A 98 -22.29 31.09 11.20
CA ARG A 98 -22.33 30.34 12.48
C ARG A 98 -21.10 29.45 12.68
N GLY A 99 -20.47 29.58 13.85
CA GLY A 99 -19.24 28.86 14.17
C GLY A 99 -18.06 29.40 13.39
N LEU A 100 -18.09 30.69 13.10
CA LEU A 100 -17.08 31.41 12.31
C LEU A 100 -15.63 31.24 12.82
N LYS A 101 -15.49 31.19 14.14
CA LYS A 101 -14.21 31.10 14.84
C LYS A 101 -13.40 29.93 14.30
N ARG A 102 -14.07 28.82 14.08
CA ARG A 102 -13.45 27.57 13.63
C ARG A 102 -12.71 27.69 12.28
N LEU A 103 -13.02 28.75 11.55
CA LEU A 103 -12.19 29.13 10.43
C LEU A 103 -10.88 29.68 10.97
N ASP A 104 -10.93 30.79 11.71
CA ASP A 104 -9.71 31.36 12.27
C ASP A 104 -8.81 30.22 12.71
N ASN A 105 -9.33 29.37 13.58
CA ASN A 105 -8.60 28.21 14.09
C ASN A 105 -7.84 27.43 13.07
N TYR A 106 -8.28 27.47 11.82
CA TYR A 106 -7.56 26.83 10.73
C TYR A 106 -6.27 27.57 10.43
N CYS A 107 -6.36 28.90 10.35
CA CYS A 107 -5.20 29.74 10.05
C CYS A 107 -4.17 29.54 11.15
N LYS A 108 -4.66 29.54 12.39
CA LYS A 108 -3.86 29.35 13.61
C LYS A 108 -2.95 28.14 13.55
N GLN A 109 -3.24 27.24 12.64
CA GLN A 109 -2.58 25.97 12.68
C GLN A 109 -1.93 25.66 11.32
N PHE A 110 -2.65 25.93 10.24
CA PHE A 110 -2.25 25.50 8.89
C PHE A 110 -1.50 26.53 8.09
N ILE A 111 -1.70 27.80 8.41
CA ILE A 111 -0.92 28.85 7.81
C ILE A 111 0.11 29.25 8.83
N ILE A 112 -0.38 29.88 9.89
CA ILE A 112 0.48 30.49 10.87
C ILE A 112 1.36 29.48 11.52
N GLU A 113 0.86 28.78 12.51
CA GLU A 113 1.75 28.04 13.37
C GLU A 113 2.47 26.91 12.64
N ASP A 114 1.97 26.47 11.49
CA ASP A 114 2.74 25.55 10.66
C ASP A 114 3.95 26.25 10.06
N GLN A 115 3.68 27.33 9.34
CA GLN A 115 4.72 28.16 8.73
C GLN A 115 5.75 28.62 9.77
N GLN A 116 5.29 28.87 10.99
CA GLN A 116 6.17 29.26 12.07
C GLN A 116 7.12 28.10 12.39
N VAL A 117 6.59 27.06 13.02
CA VAL A 117 7.25 25.77 13.30
C VAL A 117 8.39 25.30 12.38
N ARG A 118 8.25 25.58 11.09
CA ARG A 118 9.27 25.22 10.15
C ARG A 118 10.64 25.84 10.45
N LEU A 119 10.68 26.93 11.23
CA LEU A 119 11.89 27.76 11.28
C LEU A 119 13.01 27.23 12.12
N ASP A 120 12.72 26.91 13.37
CA ASP A 120 13.49 25.93 14.10
C ASP A 120 14.55 25.15 13.26
N PRO A 121 15.84 25.29 13.60
CA PRO A 121 16.89 24.74 12.77
C PRO A 121 17.10 23.28 13.09
N TYR A 122 16.37 22.78 14.06
CA TYR A 122 16.47 21.39 14.42
C TYR A 122 15.47 20.61 13.60
N VAL A 123 14.55 21.31 12.96
CA VAL A 123 13.66 20.67 12.02
C VAL A 123 14.49 20.29 10.81
N THR A 124 14.64 18.99 10.59
CA THR A 124 15.47 18.47 9.49
C THR A 124 14.85 18.78 8.17
N ALA A 125 15.65 18.68 7.12
CA ALA A 125 15.10 18.67 5.78
C ALA A 125 14.18 17.48 5.67
N GLU A 126 14.73 16.31 5.95
CA GLU A 126 13.94 15.11 6.07
C GLU A 126 12.59 15.44 6.72
N ASP A 127 12.63 16.10 7.89
CA ASP A 127 11.41 16.43 8.65
C ASP A 127 10.38 17.18 7.84
N ILE A 128 10.86 18.09 7.00
CA ILE A 128 10.00 18.94 6.21
C ILE A 128 9.19 18.11 5.26
N GLU A 129 9.87 17.34 4.42
CA GLU A 129 9.17 16.66 3.36
C GLU A 129 8.03 15.85 3.92
N ILE A 130 8.15 15.44 5.19
CA ILE A 130 7.03 14.79 5.85
C ILE A 130 5.87 15.74 6.04
N MET A 131 6.18 16.90 6.60
CA MET A 131 5.20 17.94 6.79
C MET A 131 4.55 18.27 5.46
N ASP A 132 5.28 18.04 4.37
CA ASP A 132 4.80 18.37 3.02
C ASP A 132 3.89 17.30 2.43
N MET A 133 4.47 16.11 2.26
CA MET A 133 3.71 14.93 1.90
C MET A 133 2.49 14.87 2.77
N GLU A 134 2.54 15.54 3.91
CA GLU A 134 1.45 15.51 4.84
C GLU A 134 0.27 16.35 4.36
N ARG A 135 0.51 17.63 4.04
CA ARG A 135 -0.53 18.46 3.46
C ARG A 135 -1.19 17.63 2.39
N GLU A 136 -0.44 17.42 1.32
CA GLU A 136 -0.83 16.53 0.26
C GLU A 136 -1.87 15.49 0.70
N ARG A 137 -1.42 14.50 1.47
CA ARG A 137 -2.21 13.37 1.94
C ARG A 137 -3.61 13.82 2.39
N ARG A 138 -3.64 14.81 3.29
CA ARG A 138 -4.89 15.43 3.77
C ARG A 138 -5.81 15.93 2.63
N LEU A 139 -5.28 16.84 1.81
CA LEU A 139 -6.05 17.48 0.76
C LEU A 139 -6.41 16.52 -0.34
N ASP A 140 -5.65 15.43 -0.45
CA ASP A 140 -5.94 14.38 -1.41
C ASP A 140 -7.10 13.51 -0.95
N GLU A 141 -7.35 13.49 0.36
CA GLU A 141 -8.52 12.81 0.88
C GLU A 141 -9.75 13.60 0.53
N PHE A 142 -9.66 14.92 0.73
CA PHE A 142 -10.78 15.82 0.48
C PHE A 142 -11.25 15.80 -0.96
N GLU A 143 -10.31 15.55 -1.87
CA GLU A 143 -10.54 15.49 -3.31
C GLU A 143 -11.45 14.36 -3.72
N GLU A 144 -11.70 13.46 -2.77
CA GLU A 144 -12.50 12.28 -2.97
C GLU A 144 -13.97 12.52 -2.67
N PHE A 145 -14.27 13.64 -2.02
CA PHE A 145 -15.62 13.84 -1.50
C PHE A 145 -16.61 14.46 -2.49
N HIS A 146 -16.10 14.85 -3.66
CA HIS A 146 -16.94 15.27 -4.79
C HIS A 146 -16.79 14.27 -5.91
N VAL A 147 -16.24 13.10 -5.58
CA VAL A 147 -16.27 11.96 -6.47
C VAL A 147 -17.37 11.04 -6.00
N PRO A 148 -18.38 10.87 -6.84
CA PRO A 148 -19.53 10.06 -6.49
C PRO A 148 -19.27 8.63 -6.90
N GLU A 149 -19.80 7.70 -6.12
CA GLU A 149 -19.56 6.30 -6.42
C GLU A 149 -20.81 5.43 -6.55
N ARG A 150 -21.90 5.79 -5.89
CA ARG A 150 -23.19 5.11 -6.13
C ARG A 150 -24.30 6.12 -6.38
N ILE A 151 -25.48 5.63 -6.70
CA ILE A 151 -26.64 6.47 -6.65
C ILE A 151 -27.72 5.59 -6.06
N ILE A 152 -28.58 6.18 -5.25
CA ILE A 152 -29.44 5.40 -4.38
C ILE A 152 -30.91 5.58 -4.67
N ASP A 153 -31.30 6.75 -5.15
CA ASP A 153 -32.71 7.01 -5.44
C ASP A 153 -32.93 8.10 -6.48
N SER A 154 -33.39 7.69 -7.65
CA SER A 154 -33.95 8.60 -8.60
C SER A 154 -35.27 9.03 -7.99
N GLN A 155 -35.27 10.21 -7.36
CA GLN A 155 -36.50 10.76 -6.84
C GLN A 155 -36.55 12.27 -7.09
N ARG A 156 -37.36 12.64 -8.09
CA ARG A 156 -37.51 14.02 -8.56
C ARG A 156 -38.21 14.89 -7.52
N ALA A 157 -37.56 15.99 -7.18
CA ALA A 157 -38.05 16.87 -6.13
C ALA A 157 -38.71 18.09 -6.74
N SER A 158 -39.90 18.38 -6.25
CA SER A 158 -40.58 19.63 -6.55
C SER A 158 -39.80 20.81 -5.92
N LEU A 159 -39.75 21.93 -6.64
CA LEU A 159 -39.03 23.13 -6.20
C LEU A 159 -39.97 24.33 -6.03
N GLU A 160 -39.45 25.41 -5.44
CA GLU A 160 -40.24 26.59 -5.01
C GLU A 160 -40.78 27.50 -6.14
N ASP A 161 -41.23 26.91 -7.24
CA ASP A 161 -41.65 27.65 -8.43
C ASP A 161 -42.94 27.08 -9.00
N GLY A 162 -43.00 25.76 -9.03
CA GLY A 162 -43.88 25.01 -9.90
C GLY A 162 -42.99 24.06 -10.68
N THR A 163 -41.70 24.38 -10.69
CA THR A 163 -40.68 23.55 -11.35
C THR A 163 -40.23 22.38 -10.45
N SER A 164 -39.69 21.34 -11.08
CA SER A 164 -39.13 20.19 -10.39
C SER A 164 -38.00 19.62 -11.23
N GLN A 165 -36.86 19.40 -10.61
CA GLN A 165 -35.81 18.72 -11.34
C GLN A 165 -35.60 17.34 -10.81
N LEU A 166 -35.15 16.44 -11.68
CA LEU A 166 -34.74 15.13 -11.24
C LEU A 166 -33.50 15.33 -10.40
N GLN A 167 -33.60 14.90 -9.15
CA GLN A 167 -32.49 14.92 -8.24
C GLN A 167 -32.23 13.51 -7.80
N TYR A 168 -30.97 13.23 -7.53
CA TYR A 168 -30.57 11.90 -7.11
C TYR A 168 -30.40 11.84 -5.61
N LEU A 169 -29.41 11.07 -5.23
CA LEU A 169 -29.13 10.75 -3.87
C LEU A 169 -27.82 10.06 -4.02
N VAL A 170 -26.76 10.73 -3.55
CA VAL A 170 -25.40 10.37 -3.93
C VAL A 170 -24.55 9.85 -2.79
N LYS A 171 -23.93 8.70 -3.01
CA LYS A 171 -22.94 8.15 -2.12
C LYS A 171 -21.59 8.71 -2.51
N TRP A 172 -20.91 9.24 -1.50
CA TRP A 172 -19.64 9.90 -1.67
C TRP A 172 -18.53 8.96 -1.32
N ARG A 173 -17.55 8.90 -2.21
CA ARG A 173 -16.44 7.98 -2.07
C ARG A 173 -15.51 8.43 -0.97
N ARG A 174 -14.81 7.47 -0.37
CA ARG A 174 -14.16 7.68 0.93
C ARG A 174 -15.16 8.17 2.00
N LEU A 175 -16.36 8.62 1.60
CA LEU A 175 -17.29 9.06 2.62
C LEU A 175 -18.12 7.90 3.13
N ASN A 176 -19.29 8.22 3.69
CA ASN A 176 -20.02 7.23 4.45
C ASN A 176 -21.50 7.22 4.15
N TYR A 177 -22.19 6.20 4.69
CA TYR A 177 -23.61 6.06 4.46
C TYR A 177 -24.45 7.10 5.17
N ASP A 178 -24.30 7.27 6.48
CA ASP A 178 -24.69 8.58 6.99
C ASP A 178 -24.15 9.65 5.99
N GLU A 179 -24.79 10.82 5.92
CA GLU A 179 -24.24 11.97 5.18
C GLU A 179 -24.07 11.78 3.67
N ALA A 180 -25.07 11.15 3.06
CA ALA A 180 -25.15 11.13 1.61
C ALA A 180 -26.18 12.18 1.19
N THR A 181 -25.99 12.80 0.04
CA THR A 181 -26.74 14.00 -0.32
C THR A 181 -27.56 13.89 -1.59
N TRP A 182 -28.76 14.47 -1.57
CA TRP A 182 -29.54 14.64 -2.79
C TRP A 182 -28.85 15.73 -3.59
N GLU A 183 -28.63 15.49 -4.87
CA GLU A 183 -28.00 16.49 -5.75
C GLU A 183 -28.64 16.49 -7.13
N ASN A 184 -28.44 17.57 -7.89
CA ASN A 184 -29.19 17.78 -9.13
C ASN A 184 -28.73 16.93 -10.29
N ALA A 185 -29.57 15.97 -10.66
CA ALA A 185 -29.31 15.10 -11.80
C ALA A 185 -28.50 15.79 -12.89
N THR A 186 -29.08 16.83 -13.46
CA THR A 186 -28.54 17.55 -14.62
C THR A 186 -27.02 17.53 -14.75
N ASP A 187 -26.31 17.72 -13.64
CA ASP A 187 -24.84 17.81 -13.65
C ASP A 187 -24.08 16.61 -13.06
N ILE A 188 -24.76 15.82 -12.22
CA ILE A 188 -24.21 14.56 -11.72
C ILE A 188 -23.75 13.74 -12.91
N VAL A 189 -24.70 13.52 -13.80
CA VAL A 189 -24.57 12.62 -14.93
C VAL A 189 -23.42 12.98 -15.85
N LYS A 190 -23.23 14.28 -16.07
CA LYS A 190 -22.16 14.77 -16.92
C LYS A 190 -20.85 14.78 -16.14
N LEU A 191 -20.89 14.29 -14.89
CA LEU A 191 -19.67 14.06 -14.11
C LEU A 191 -19.43 12.57 -13.88
N ALA A 192 -20.52 11.83 -13.62
CA ALA A 192 -20.40 10.46 -13.16
C ALA A 192 -21.23 9.48 -13.98
N PRO A 193 -21.00 9.43 -15.29
CA PRO A 193 -21.87 8.67 -16.17
C PRO A 193 -22.13 7.26 -15.68
N GLU A 194 -21.09 6.48 -15.41
CA GLU A 194 -21.27 5.05 -15.14
C GLU A 194 -22.11 4.79 -13.90
N GLN A 195 -21.65 5.28 -12.77
CA GLN A 195 -22.34 5.07 -11.50
C GLN A 195 -23.81 5.44 -11.60
N VAL A 196 -24.14 6.36 -12.52
CA VAL A 196 -25.51 6.63 -12.97
C VAL A 196 -25.96 5.51 -13.89
N LYS A 197 -25.27 5.37 -15.02
CA LYS A 197 -25.51 4.28 -15.97
C LYS A 197 -25.84 3.01 -15.21
N HIS A 198 -25.05 2.76 -14.17
CA HIS A 198 -25.26 1.63 -13.32
C HIS A 198 -26.62 1.75 -12.66
N PHE A 199 -26.87 2.89 -12.03
CA PHE A 199 -28.08 3.08 -11.25
C PHE A 199 -29.39 2.55 -11.87
N GLN A 200 -29.70 2.92 -13.10
CA GLN A 200 -30.98 2.48 -13.68
C GLN A 200 -30.96 0.98 -13.84
N ASN A 201 -29.91 0.50 -14.49
CA ASN A 201 -29.70 -0.92 -14.67
C ASN A 201 -29.81 -1.66 -13.34
N ARG A 202 -29.42 -0.98 -12.26
CA ARG A 202 -29.30 -1.58 -10.92
C ARG A 202 -30.55 -2.31 -10.39
N GLU A 203 -31.71 -2.10 -11.04
CA GLU A 203 -32.92 -2.83 -10.70
C GLU A 203 -33.50 -3.69 -11.84
N ASN A 204 -32.93 -3.57 -13.04
CA ASN A 204 -33.19 -4.50 -14.14
C ASN A 204 -32.13 -5.59 -14.16
N SER A 205 -30.87 -5.17 -14.09
CA SER A 205 -29.68 -6.00 -14.25
C SER A 205 -30.06 -7.48 -14.30
N LYS A 206 -29.89 -8.05 -15.48
CA LYS A 206 -30.12 -9.47 -15.71
C LYS A 206 -29.79 -10.21 -14.41
N ILE A 207 -28.61 -9.93 -13.86
CA ILE A 207 -28.00 -10.67 -12.75
C ILE A 207 -28.57 -10.41 -11.37
N LEU A 208 -29.85 -10.09 -11.28
CA LEU A 208 -30.45 -9.89 -9.97
C LEU A 208 -30.36 -11.19 -9.17
N PRO A 209 -30.73 -11.16 -7.87
CA PRO A 209 -30.47 -12.31 -7.04
C PRO A 209 -31.48 -13.44 -7.26
N GLN A 210 -32.74 -13.10 -7.48
CA GLN A 210 -33.77 -14.13 -7.61
C GLN A 210 -33.83 -14.81 -8.97
N TYR A 211 -33.15 -14.25 -9.96
CA TYR A 211 -33.00 -14.98 -11.22
C TYR A 211 -31.97 -16.10 -11.06
N SER A 212 -31.63 -16.44 -9.82
CA SER A 212 -30.61 -17.44 -9.56
C SER A 212 -31.08 -18.84 -9.79
N SER A 213 -30.19 -19.68 -10.32
CA SER A 213 -30.57 -21.03 -10.67
C SER A 213 -30.14 -21.98 -9.58
N ASN A 214 -31.11 -22.62 -8.93
CA ASN A 214 -30.79 -23.44 -7.77
C ASN A 214 -30.85 -24.93 -7.95
N TYR A 215 -29.68 -25.52 -7.90
CA TYR A 215 -29.45 -26.90 -8.30
C TYR A 215 -30.04 -27.89 -7.34
N THR A 216 -30.93 -28.74 -7.85
CA THR A 216 -31.79 -29.53 -7.03
C THR A 216 -31.11 -30.80 -6.56
N SER A 217 -31.33 -31.92 -7.23
CA SER A 217 -30.63 -33.14 -6.86
C SER A 217 -29.16 -32.94 -7.15
N GLN A 218 -28.88 -32.48 -8.36
CA GLN A 218 -27.51 -32.38 -8.81
C GLN A 218 -27.01 -30.95 -9.01
N ARG A 219 -25.71 -30.83 -9.28
CA ARG A 219 -25.06 -29.55 -9.57
C ARG A 219 -23.96 -29.72 -10.63
N PRO A 220 -23.80 -28.72 -11.52
CA PRO A 220 -23.13 -28.78 -12.81
C PRO A 220 -21.81 -29.49 -12.83
N ARG A 221 -21.42 -29.92 -14.02
CA ARG A 221 -20.18 -30.62 -14.23
C ARG A 221 -19.06 -29.72 -13.83
N PHE A 222 -18.03 -30.30 -13.19
CA PHE A 222 -16.75 -29.64 -12.99
C PHE A 222 -16.19 -29.24 -14.35
N GLU A 223 -15.68 -28.02 -14.48
CA GLU A 223 -14.99 -27.75 -15.71
C GLU A 223 -13.69 -27.01 -15.54
N LYS A 224 -13.25 -26.44 -16.64
CA LYS A 224 -11.91 -25.96 -16.78
C LYS A 224 -11.92 -24.87 -17.79
N LEU A 225 -11.24 -23.78 -17.50
CA LEU A 225 -11.23 -22.65 -18.40
C LEU A 225 -9.80 -22.30 -18.70
N SER A 226 -9.37 -22.56 -19.90
CA SER A 226 -7.97 -22.39 -20.26
C SER A 226 -7.62 -20.94 -20.50
N VAL A 227 -8.63 -20.13 -20.81
CA VAL A 227 -8.42 -18.71 -20.98
C VAL A 227 -9.43 -17.95 -20.14
N GLN A 228 -9.04 -16.74 -19.72
CA GLN A 228 -9.86 -15.96 -18.83
C GLN A 228 -11.12 -15.51 -19.56
N PRO A 229 -12.27 -15.89 -19.02
CA PRO A 229 -13.57 -15.63 -19.61
C PRO A 229 -13.85 -14.13 -19.70
N PRO A 230 -14.40 -13.65 -20.83
CA PRO A 230 -14.60 -12.23 -21.09
C PRO A 230 -15.25 -11.44 -19.96
N PHE A 231 -16.22 -12.04 -19.28
CA PHE A 231 -17.00 -11.34 -18.27
C PHE A 231 -16.20 -10.84 -17.08
N ILE A 232 -14.92 -11.20 -17.00
CA ILE A 232 -14.00 -10.59 -16.04
C ILE A 232 -13.14 -9.58 -16.78
N LYS A 233 -13.45 -8.31 -16.54
CA LYS A 233 -13.10 -7.26 -17.49
C LYS A 233 -11.97 -6.34 -17.03
N GLY A 234 -11.45 -6.57 -15.83
CA GLY A 234 -10.34 -5.76 -15.29
C GLY A 234 -9.11 -5.61 -16.16
N GLY A 235 -8.41 -6.71 -16.38
CA GLY A 235 -7.22 -6.68 -17.22
C GLY A 235 -6.70 -8.08 -17.49
N GLU A 236 -5.86 -8.56 -16.60
CA GLU A 236 -5.12 -9.79 -16.85
C GLU A 236 -5.44 -10.90 -15.88
N LEU A 237 -4.55 -11.87 -15.83
CA LEU A 237 -4.37 -12.73 -14.68
C LEU A 237 -3.47 -13.85 -15.11
N ARG A 238 -2.23 -13.82 -14.62
CA ARG A 238 -1.25 -14.83 -14.96
C ARG A 238 -1.84 -16.22 -14.73
N ASP A 239 -1.71 -17.07 -15.73
CA ASP A 239 -2.12 -18.47 -15.67
C ASP A 239 -2.35 -19.03 -14.27
N PHE A 240 -1.41 -18.81 -13.35
CA PHE A 240 -1.55 -19.34 -12.01
C PHE A 240 -2.77 -18.74 -11.34
N GLN A 241 -3.26 -17.66 -11.91
CA GLN A 241 -4.46 -17.05 -11.44
C GLN A 241 -5.61 -17.95 -11.88
N LEU A 242 -5.77 -18.11 -13.19
CA LEU A 242 -6.76 -19.03 -13.79
C LEU A 242 -6.83 -20.27 -12.95
N THR A 243 -5.69 -20.95 -12.88
CA THR A 243 -5.58 -22.19 -12.19
C THR A 243 -6.30 -22.06 -10.87
N GLY A 244 -6.11 -20.93 -10.22
CA GLY A 244 -6.75 -20.68 -8.94
C GLY A 244 -8.24 -20.82 -9.01
N ILE A 245 -8.85 -19.97 -9.83
CA ILE A 245 -10.30 -19.97 -10.00
C ILE A 245 -10.78 -21.35 -10.39
N ASN A 246 -10.11 -21.97 -11.35
CA ASN A 246 -10.45 -23.33 -11.74
C ASN A 246 -10.70 -24.19 -10.53
N TRP A 247 -9.80 -24.09 -9.56
CA TRP A 247 -9.82 -24.93 -8.39
C TRP A 247 -11.02 -24.66 -7.50
N MET A 248 -11.17 -23.40 -7.10
CA MET A 248 -12.28 -23.02 -6.25
C MET A 248 -13.53 -23.47 -6.98
N ALA A 249 -13.47 -23.36 -8.32
CA ALA A 249 -14.57 -23.74 -9.17
C ALA A 249 -14.86 -25.20 -8.96
N PHE A 250 -14.11 -26.03 -9.66
CA PHE A 250 -14.21 -27.49 -9.54
C PHE A 250 -14.68 -27.90 -8.15
N LEU A 251 -14.18 -27.22 -7.12
CA LEU A 251 -14.56 -27.57 -5.79
C LEU A 251 -16.05 -27.31 -5.58
N TRP A 252 -16.52 -26.12 -5.99
CA TRP A 252 -17.95 -25.84 -5.84
C TRP A 252 -18.73 -27.02 -6.40
N SER A 253 -18.39 -27.38 -7.64
CA SER A 253 -19.00 -28.51 -8.33
C SER A 253 -18.56 -29.84 -7.74
N LYS A 254 -18.39 -29.83 -6.42
CA LYS A 254 -18.34 -31.03 -5.62
C LYS A 254 -19.16 -30.75 -4.37
N GLY A 255 -19.46 -29.48 -4.15
CA GLY A 255 -20.21 -29.03 -2.98
C GLY A 255 -19.30 -28.81 -1.78
N ASP A 256 -18.00 -28.87 -2.03
CA ASP A 256 -17.01 -28.68 -1.00
C ASP A 256 -16.47 -27.26 -1.04
N ASN A 257 -16.28 -26.66 0.12
CA ASN A 257 -15.62 -25.36 0.26
C ASN A 257 -14.16 -25.60 0.62
N GLY A 258 -13.26 -24.70 0.19
CA GLY A 258 -11.82 -24.85 0.47
C GLY A 258 -11.15 -23.64 1.10
N ILE A 259 -9.81 -23.59 1.05
CA ILE A 259 -9.05 -22.46 1.60
C ILE A 259 -7.90 -21.99 0.73
N LEU A 260 -7.92 -20.69 0.44
CA LEU A 260 -6.92 -20.08 -0.38
C LEU A 260 -5.85 -19.52 0.52
N ALA A 261 -4.71 -20.17 0.55
CA ALA A 261 -3.58 -19.69 1.34
C ALA A 261 -2.31 -19.64 0.52
N ASP A 262 -2.30 -18.75 -0.46
CA ASP A 262 -1.09 -18.47 -1.21
C ASP A 262 -0.43 -17.29 -0.56
N GLU A 263 0.90 -17.24 -0.59
CA GLU A 263 1.68 -16.29 0.25
C GLU A 263 1.30 -14.84 0.00
N MET A 264 1.32 -14.00 1.04
CA MET A 264 0.65 -12.70 0.99
C MET A 264 0.99 -11.79 -0.20
N GLY A 265 0.05 -10.91 -0.53
CA GLY A 265 0.19 -9.96 -1.65
C GLY A 265 0.08 -10.61 -3.02
N LEU A 266 -0.42 -11.84 -3.07
CA LEU A 266 -0.26 -12.70 -4.24
C LEU A 266 -1.47 -12.77 -5.17
N GLY A 267 -2.35 -11.77 -5.10
CA GLY A 267 -3.48 -11.72 -6.01
C GLY A 267 -4.73 -12.33 -5.41
N LYS A 268 -4.58 -13.03 -4.28
CA LYS A 268 -5.73 -13.68 -3.62
C LYS A 268 -6.98 -12.82 -3.42
N THR A 269 -6.92 -11.55 -3.83
CA THR A 269 -8.11 -10.73 -3.90
C THR A 269 -8.74 -10.97 -5.24
N VAL A 270 -8.07 -10.47 -6.28
CA VAL A 270 -8.52 -10.69 -7.66
C VAL A 270 -9.01 -12.14 -7.84
N GLN A 271 -8.36 -13.07 -7.18
CA GLN A 271 -8.73 -14.46 -7.29
C GLN A 271 -10.05 -14.79 -6.57
N THR A 272 -10.45 -13.97 -5.61
CA THR A 272 -11.78 -14.14 -5.06
C THR A 272 -12.71 -13.42 -6.00
N VAL A 273 -12.49 -12.12 -6.17
CA VAL A 273 -13.31 -11.32 -7.07
C VAL A 273 -13.70 -12.15 -8.27
N ALA A 274 -12.72 -12.54 -9.07
CA ALA A 274 -12.93 -13.32 -10.27
C ALA A 274 -13.87 -14.49 -9.98
N PHE A 275 -13.47 -15.33 -9.03
CA PHE A 275 -14.27 -16.48 -8.69
C PHE A 275 -15.70 -16.14 -8.31
N ILE A 276 -15.98 -14.89 -7.95
CA ILE A 276 -17.38 -14.55 -7.75
C ILE A 276 -18.02 -14.41 -9.10
N SER A 277 -17.46 -13.55 -9.94
CA SER A 277 -17.98 -13.38 -11.26
C SER A 277 -18.43 -14.73 -11.81
N TRP A 278 -17.61 -15.75 -11.64
CA TRP A 278 -17.97 -17.08 -12.09
C TRP A 278 -19.23 -17.56 -11.45
N LEU A 279 -19.25 -17.69 -10.12
CA LEU A 279 -20.48 -18.13 -9.47
C LEU A 279 -21.74 -17.50 -10.04
N ILE A 280 -21.72 -16.17 -10.13
CA ILE A 280 -22.80 -15.45 -10.77
C ILE A 280 -22.89 -15.86 -12.24
N PHE A 281 -21.97 -15.34 -13.04
CA PHE A 281 -22.02 -15.44 -14.50
C PHE A 281 -21.76 -16.82 -15.09
N ALA A 282 -21.59 -17.86 -14.29
CA ALA A 282 -21.27 -19.15 -14.90
C ALA A 282 -21.96 -20.30 -14.24
N ARG A 283 -22.51 -20.06 -13.06
CA ARG A 283 -23.47 -20.98 -12.52
C ARG A 283 -24.70 -20.21 -12.12
N ARG A 284 -24.88 -19.08 -12.80
CA ARG A 284 -26.13 -18.30 -12.78
C ARG A 284 -26.76 -18.24 -11.41
N GLN A 285 -26.08 -18.74 -10.40
CA GLN A 285 -26.54 -18.46 -9.05
C GLN A 285 -25.58 -17.52 -8.29
N ASN A 286 -26.20 -16.51 -7.70
CA ASN A 286 -25.59 -15.23 -7.45
C ASN A 286 -26.53 -14.44 -6.55
N GLY A 287 -27.19 -15.16 -5.65
CA GLY A 287 -28.24 -14.62 -4.80
C GLY A 287 -27.67 -13.42 -4.09
N PRO A 288 -27.41 -13.54 -2.76
CA PRO A 288 -26.60 -12.55 -2.10
C PRO A 288 -25.25 -13.11 -1.66
N HIS A 289 -24.22 -12.32 -1.91
CA HIS A 289 -22.89 -12.70 -1.50
C HIS A 289 -22.31 -11.74 -0.47
N ILE A 290 -21.39 -12.29 0.33
CA ILE A 290 -20.88 -11.61 1.50
C ILE A 290 -19.41 -11.93 1.68
N ILE A 291 -18.59 -10.89 1.68
CA ILE A 291 -17.19 -11.07 1.97
C ILE A 291 -16.85 -10.25 3.21
N VAL A 292 -16.08 -10.85 4.13
CA VAL A 292 -15.67 -10.17 5.37
C VAL A 292 -14.20 -9.74 5.32
N VAL A 293 -13.95 -8.49 5.67
CA VAL A 293 -12.69 -7.87 5.30
C VAL A 293 -12.06 -7.04 6.42
N PRO A 294 -10.71 -6.94 6.41
CA PRO A 294 -10.01 -5.96 7.21
C PRO A 294 -10.30 -4.54 6.75
N LEU A 295 -10.78 -3.72 7.67
CA LEU A 295 -11.11 -2.32 7.44
C LEU A 295 -9.96 -1.63 6.74
N SER A 296 -8.76 -2.13 6.99
CA SER A 296 -7.56 -1.65 6.33
C SER A 296 -7.72 -1.74 4.81
N THR A 297 -8.35 -2.81 4.35
CA THR A 297 -8.27 -3.15 2.95
C THR A 297 -9.61 -3.15 2.24
N MET A 298 -10.68 -2.75 2.90
CA MET A 298 -11.94 -2.77 2.17
C MET A 298 -11.96 -1.70 1.12
N PRO A 299 -11.41 -0.52 1.43
CA PRO A 299 -11.19 0.42 0.35
C PRO A 299 -10.55 -0.27 -0.82
N ALA A 300 -9.72 -1.27 -0.56
CA ALA A 300 -9.08 -2.02 -1.62
C ALA A 300 -10.14 -2.79 -2.36
N TRP A 301 -10.64 -3.86 -1.76
CA TRP A 301 -11.64 -4.71 -2.41
C TRP A 301 -12.54 -3.91 -3.34
N LEU A 302 -13.16 -2.87 -2.78
CA LEU A 302 -14.11 -2.08 -3.52
C LEU A 302 -13.62 -1.71 -4.89
N ASP A 303 -12.42 -1.13 -5.00
CA ASP A 303 -11.85 -0.84 -6.32
C ASP A 303 -11.79 -2.11 -7.17
N THR A 304 -11.20 -3.16 -6.60
CA THR A 304 -11.00 -4.44 -7.29
C THR A 304 -12.27 -4.96 -7.92
N PHE A 305 -13.40 -4.66 -7.28
CA PHE A 305 -14.65 -5.10 -7.79
C PHE A 305 -15.01 -4.37 -9.04
N GLU A 306 -15.14 -3.06 -8.96
CA GLU A 306 -15.52 -2.30 -10.13
C GLU A 306 -14.38 -2.22 -11.12
N LYS A 307 -13.36 -3.03 -10.92
CA LYS A 307 -12.32 -3.17 -11.91
C LYS A 307 -12.53 -4.46 -12.72
N TRP A 308 -12.78 -5.56 -12.02
CA TRP A 308 -12.82 -6.86 -12.69
C TRP A 308 -14.21 -7.42 -12.82
N ALA A 309 -15.11 -6.91 -11.97
CA ALA A 309 -16.52 -7.29 -12.04
C ALA A 309 -17.38 -6.03 -12.05
N PRO A 310 -17.19 -5.20 -13.06
CA PRO A 310 -17.74 -3.88 -12.98
C PRO A 310 -19.24 -3.95 -12.91
N ASP A 311 -19.82 -4.83 -13.70
CA ASP A 311 -21.27 -4.91 -13.82
C ASP A 311 -21.96 -5.30 -12.53
N LEU A 312 -21.18 -5.74 -11.56
CA LEU A 312 -21.71 -6.22 -10.29
C LEU A 312 -22.20 -5.11 -9.39
N ASN A 313 -23.22 -5.43 -8.61
CA ASN A 313 -23.81 -4.50 -7.68
C ASN A 313 -23.41 -4.89 -6.29
N CYS A 314 -22.42 -4.20 -5.77
CA CYS A 314 -21.84 -4.55 -4.49
C CYS A 314 -21.85 -3.41 -3.49
N ILE A 315 -21.95 -3.81 -2.25
CA ILE A 315 -22.41 -2.94 -1.20
C ILE A 315 -21.39 -2.93 -0.06
N CYS A 316 -20.89 -1.74 0.27
CA CYS A 316 -19.98 -1.58 1.39
C CYS A 316 -20.78 -1.39 2.67
N TYR A 317 -20.17 -1.82 3.77
CA TYR A 317 -20.83 -1.72 5.06
C TYR A 317 -20.00 -0.88 6.13
N MET A 318 -20.01 0.44 5.95
CA MET A 318 -19.27 1.36 6.78
C MET A 318 -20.31 2.22 7.51
N GLY A 319 -20.11 2.43 8.81
CA GLY A 319 -21.06 3.13 9.70
C GLY A 319 -21.89 2.12 10.49
N ASN A 320 -22.10 2.37 11.77
CA ASN A 320 -22.80 1.37 12.57
C ASN A 320 -24.18 1.88 12.89
N GLN A 321 -24.40 3.15 12.57
CA GLN A 321 -25.48 3.85 13.16
C GLN A 321 -26.42 4.28 12.10
N LYS A 322 -26.08 5.37 11.44
CA LYS A 322 -26.93 5.91 10.41
C LYS A 322 -26.74 5.08 9.17
N SER A 323 -25.68 4.28 9.13
CA SER A 323 -25.52 3.34 8.04
C SER A 323 -26.57 2.22 8.07
N ARG A 324 -26.44 1.35 9.07
CA ARG A 324 -27.40 0.29 9.38
C ARG A 324 -28.78 0.60 8.80
N ASP A 325 -29.26 1.80 9.14
CA ASP A 325 -30.59 2.28 8.79
C ASP A 325 -30.64 2.75 7.34
N THR A 326 -29.59 3.45 6.92
CA THR A 326 -29.44 3.87 5.54
C THR A 326 -29.50 2.68 4.60
N ILE A 327 -28.63 1.73 4.87
CA ILE A 327 -28.45 0.57 4.03
C ILE A 327 -29.74 -0.21 3.86
N ARG A 328 -30.45 -0.51 4.95
CA ARG A 328 -31.71 -1.23 4.85
C ARG A 328 -32.65 -0.60 3.82
N GLU A 329 -32.52 0.72 3.63
CA GLU A 329 -33.24 1.43 2.58
C GLU A 329 -32.64 1.23 1.15
N TYR A 330 -31.60 0.39 1.03
CA TYR A 330 -30.90 0.16 -0.24
C TYR A 330 -30.76 -1.32 -0.59
N GLU A 331 -30.52 -2.09 0.46
CA GLU A 331 -30.29 -3.53 0.43
C GLU A 331 -31.43 -4.34 -0.19
N PHE A 332 -32.63 -4.22 0.39
CA PHE A 332 -33.80 -4.92 -0.10
C PHE A 332 -34.48 -4.19 -1.27
N TYR A 333 -35.75 -4.52 -1.51
CA TYR A 333 -36.61 -3.78 -2.41
C TYR A 333 -37.57 -2.88 -1.60
N THR A 334 -38.32 -1.99 -2.25
CA THR A 334 -39.17 -0.97 -1.57
C THR A 334 -40.21 -1.51 -0.55
N ASN A 335 -40.69 -2.72 -0.78
CA ASN A 335 -41.71 -3.35 0.07
C ASN A 335 -41.21 -3.76 1.48
N PRO A 336 -42.13 -3.84 2.48
CA PRO A 336 -41.74 -4.24 3.85
C PRO A 336 -41.15 -5.65 3.97
N LYS A 342 -39.34 -9.64 0.12
CA LYS A 342 -37.95 -9.84 0.53
C LYS A 342 -37.02 -9.99 -0.69
N THR A 343 -37.01 -8.95 -1.52
CA THR A 343 -36.17 -8.84 -2.71
C THR A 343 -34.80 -8.20 -2.39
N MET A 344 -33.75 -9.01 -2.28
CA MET A 344 -32.43 -8.39 -2.07
C MET A 344 -31.84 -7.94 -3.38
N LYS A 345 -31.62 -6.63 -3.49
CA LYS A 345 -31.31 -5.96 -4.75
C LYS A 345 -29.81 -5.82 -5.04
N PHE A 346 -28.98 -6.56 -4.30
CA PHE A 346 -27.51 -6.42 -4.37
C PHE A 346 -26.76 -7.72 -4.60
N ASN A 347 -25.76 -7.72 -5.46
CA ASN A 347 -24.95 -8.92 -5.72
C ASN A 347 -24.09 -9.31 -4.52
N VAL A 348 -23.35 -8.33 -3.98
CA VAL A 348 -22.31 -8.57 -2.99
C VAL A 348 -22.27 -7.50 -1.90
N LEU A 349 -22.26 -7.91 -0.63
CA LEU A 349 -21.90 -6.95 0.41
C LEU A 349 -20.62 -7.30 1.17
N LEU A 350 -20.06 -6.28 1.82
CA LEU A 350 -18.76 -6.37 2.43
C LEU A 350 -18.77 -5.64 3.77
N THR A 351 -18.03 -6.18 4.74
CA THR A 351 -18.02 -5.66 6.11
C THR A 351 -16.69 -5.83 6.84
N THR A 352 -16.65 -5.27 8.04
CA THR A 352 -15.73 -5.73 9.05
C THR A 352 -16.54 -6.51 10.05
N TYR A 353 -15.92 -7.60 10.46
CA TYR A 353 -16.32 -8.39 11.61
C TYR A 353 -17.19 -7.60 12.60
N GLU A 354 -16.81 -6.34 12.84
CA GLU A 354 -17.55 -5.44 13.75
C GLU A 354 -19.06 -5.59 13.65
N TYR A 355 -19.55 -5.48 12.43
CA TYR A 355 -20.97 -5.38 12.17
C TYR A 355 -21.62 -6.74 12.20
N ILE A 356 -20.81 -7.77 12.40
CA ILE A 356 -21.32 -9.12 12.53
C ILE A 356 -21.88 -9.38 13.93
N LEU A 357 -21.62 -8.46 14.87
CA LEU A 357 -22.37 -8.50 16.13
C LEU A 357 -23.29 -7.31 16.29
N LYS A 358 -22.81 -6.09 16.08
CA LYS A 358 -23.71 -4.92 16.26
C LYS A 358 -24.92 -5.12 15.38
N ASP A 359 -24.73 -5.90 14.32
CA ASP A 359 -25.76 -6.15 13.33
C ASP A 359 -25.91 -7.65 12.94
N ARG A 360 -25.55 -8.56 13.85
CA ARG A 360 -25.86 -10.00 13.68
C ARG A 360 -27.37 -10.20 13.65
N ALA A 361 -28.07 -9.38 14.43
CA ALA A 361 -29.52 -9.36 14.49
C ALA A 361 -30.13 -9.42 13.09
N GLU A 362 -29.90 -8.37 12.32
CA GLU A 362 -30.46 -8.22 10.98
C GLU A 362 -29.78 -9.15 9.98
N LEU A 363 -28.45 -9.12 9.97
CA LEU A 363 -27.67 -9.88 9.01
C LEU A 363 -27.83 -11.37 9.21
N GLY A 364 -27.91 -11.81 10.46
CA GLY A 364 -28.10 -13.22 10.79
C GLY A 364 -29.20 -13.89 9.98
N SER A 365 -30.36 -13.24 9.92
CA SER A 365 -31.55 -13.83 9.27
C SER A 365 -31.61 -13.59 7.74
N ILE A 366 -30.45 -13.46 7.13
CA ILE A 366 -30.36 -13.26 5.68
C ILE A 366 -29.86 -14.54 5.01
N LYS A 367 -30.55 -14.92 3.95
CA LYS A 367 -30.28 -16.14 3.20
C LYS A 367 -29.12 -15.98 2.22
N TRP A 368 -27.95 -16.48 2.62
CA TRP A 368 -26.67 -16.22 1.91
C TRP A 368 -26.24 -17.37 1.05
N GLN A 369 -25.63 -17.04 -0.09
CA GLN A 369 -25.08 -18.07 -0.93
C GLN A 369 -23.63 -18.30 -0.64
N PHE A 370 -22.79 -17.36 -1.03
CA PHE A 370 -21.37 -17.54 -0.87
C PHE A 370 -20.77 -16.64 0.19
N MET A 371 -19.81 -17.17 0.97
CA MET A 371 -19.06 -16.40 1.99
C MET A 371 -17.56 -16.70 1.95
N ALA A 372 -16.77 -15.64 1.75
CA ALA A 372 -15.32 -15.73 1.87
C ALA A 372 -14.87 -14.85 3.05
N VAL A 373 -13.57 -14.85 3.36
CA VAL A 373 -13.04 -13.89 4.34
C VAL A 373 -11.52 -13.74 4.25
N ASP A 374 -11.06 -12.48 4.13
CA ASP A 374 -9.66 -12.17 3.83
C ASP A 374 -8.88 -12.21 5.11
N GLU A 375 -7.55 -12.18 5.00
CA GLU A 375 -6.63 -12.20 6.15
C GLU A 375 -7.36 -12.78 7.37
N ALA A 376 -7.90 -13.98 7.17
CA ALA A 376 -8.73 -14.65 8.15
C ALA A 376 -7.92 -15.70 8.86
N HIS A 377 -6.65 -15.38 9.15
CA HIS A 377 -5.89 -16.11 10.14
C HIS A 377 -6.59 -15.85 11.47
N ARG A 378 -7.27 -14.70 11.49
CA ARG A 378 -8.07 -14.17 12.59
C ARG A 378 -9.02 -15.15 13.27
N LEU A 379 -9.35 -16.23 12.57
CA LEU A 379 -10.36 -17.14 13.09
C LEU A 379 -9.82 -18.52 13.39
N LYS A 380 -8.68 -18.56 14.07
CA LYS A 380 -8.20 -19.79 14.69
C LYS A 380 -9.08 -20.15 15.88
N ASN A 381 -9.66 -19.12 16.48
CA ASN A 381 -10.43 -19.27 17.70
C ASN A 381 -11.82 -19.83 17.43
N ALA A 382 -12.27 -20.68 18.36
CA ALA A 382 -13.58 -21.31 18.27
C ALA A 382 -14.65 -20.64 19.15
N GLU A 383 -14.24 -19.77 20.08
CA GLU A 383 -15.21 -19.03 20.90
C GLU A 383 -15.43 -17.59 20.45
N SER A 384 -14.36 -16.95 19.96
CA SER A 384 -14.40 -15.55 19.52
C SER A 384 -15.64 -15.34 18.71
N SER A 385 -16.47 -14.38 19.12
CA SER A 385 -17.82 -14.21 18.60
C SER A 385 -17.93 -14.12 17.07
N LEU A 386 -16.78 -13.96 16.39
CA LEU A 386 -16.70 -14.19 14.94
C LEU A 386 -17.28 -15.57 14.68
N TYR A 387 -16.48 -16.57 15.03
CA TYR A 387 -16.82 -17.98 14.94
C TYR A 387 -18.28 -18.25 15.31
N GLU A 388 -18.64 -17.99 16.57
CA GLU A 388 -19.99 -18.23 17.07
C GLU A 388 -21.06 -17.50 16.26
N SER A 389 -20.72 -16.33 15.73
CA SER A 389 -21.68 -15.57 14.94
C SER A 389 -21.57 -15.81 13.43
N LEU A 390 -20.44 -16.32 12.96
CA LEU A 390 -20.29 -16.66 11.55
C LEU A 390 -20.89 -18.02 11.24
N ASN A 391 -20.88 -18.91 12.22
CA ASN A 391 -21.64 -20.14 12.11
C ASN A 391 -23.11 -19.86 12.35
N SER A 392 -23.39 -18.70 12.93
CA SER A 392 -24.75 -18.19 13.07
C SER A 392 -25.26 -17.70 11.71
N PHE A 393 -24.53 -18.01 10.63
CA PHE A 393 -24.90 -17.58 9.28
C PHE A 393 -25.31 -18.69 8.31
N LYS A 394 -26.13 -18.32 7.34
CA LYS A 394 -26.72 -19.27 6.41
C LYS A 394 -25.93 -19.26 5.12
N VAL A 395 -24.96 -20.15 5.00
CA VAL A 395 -24.13 -20.15 3.81
C VAL A 395 -24.14 -21.44 3.02
N ALA A 396 -24.35 -21.31 1.72
CA ALA A 396 -24.22 -22.44 0.82
C ALA A 396 -22.75 -22.81 0.75
N ASN A 397 -21.89 -21.80 0.86
CA ASN A 397 -20.47 -22.02 0.63
C ASN A 397 -19.45 -21.09 1.31
N ARG A 398 -18.23 -21.61 1.42
CA ARG A 398 -17.14 -20.92 2.08
C ARG A 398 -15.84 -21.07 1.35
N MET A 399 -15.27 -19.94 0.99
CA MET A 399 -13.90 -19.84 0.58
C MET A 399 -13.32 -19.22 1.85
N LEU A 400 -12.07 -19.53 2.20
CA LEU A 400 -11.37 -18.87 3.32
C LEU A 400 -9.98 -18.44 2.91
N ILE A 401 -9.57 -17.26 3.37
CA ILE A 401 -8.24 -16.77 3.04
C ILE A 401 -7.30 -16.53 4.26
N THR A 402 -6.05 -16.94 4.08
CA THR A 402 -4.97 -16.66 4.99
C THR A 402 -3.71 -16.90 4.20
N GLY A 403 -2.60 -16.29 4.60
CA GLY A 403 -1.32 -16.68 4.02
C GLY A 403 -0.55 -17.67 4.88
N THR A 404 -1.15 -18.82 5.22
CA THR A 404 -0.55 -19.75 6.21
C THR A 404 -1.07 -21.19 6.34
N PRO A 405 -0.17 -22.19 6.34
CA PRO A 405 -0.55 -23.56 6.71
C PRO A 405 -0.32 -23.85 8.19
N LEU A 406 -1.24 -24.57 8.83
CA LEU A 406 -1.16 -24.78 10.28
C LEU A 406 -0.09 -25.72 10.73
N GLN A 407 0.55 -25.35 11.83
CA GLN A 407 1.56 -26.19 12.43
C GLN A 407 1.11 -26.65 13.79
N ASN A 408 1.38 -25.79 14.79
CA ASN A 408 1.04 -26.07 16.17
C ASN A 408 -0.42 -26.51 16.29
N ASN A 409 -1.34 -25.60 15.96
CA ASN A 409 -2.73 -25.79 16.31
C ASN A 409 -3.22 -27.18 15.99
N ILE A 410 -3.74 -27.81 17.04
CA ILE A 410 -4.56 -28.98 16.90
C ILE A 410 -6.00 -28.52 16.99
N LYS A 411 -6.27 -27.64 17.96
CA LYS A 411 -7.62 -27.11 18.16
C LYS A 411 -8.02 -26.16 17.04
N GLU A 412 -7.06 -25.35 16.57
CA GLU A 412 -7.25 -24.48 15.39
C GLU A 412 -7.49 -25.33 14.13
N LEU A 413 -6.59 -26.28 13.90
CA LEU A 413 -6.74 -27.22 12.81
C LEU A 413 -8.22 -27.60 12.79
N ALA A 414 -8.76 -28.02 13.94
CA ALA A 414 -10.18 -28.36 14.06
C ALA A 414 -11.12 -27.20 13.72
N ALA A 415 -11.04 -26.14 14.53
CA ALA A 415 -11.95 -24.99 14.42
C ALA A 415 -12.14 -24.40 13.02
N LEU A 416 -11.04 -24.31 12.27
CA LEU A 416 -11.06 -23.85 10.89
C LEU A 416 -11.81 -24.84 9.98
N VAL A 417 -11.39 -26.10 10.04
CA VAL A 417 -12.01 -27.15 9.26
C VAL A 417 -13.48 -27.25 9.66
N ASN A 418 -13.69 -27.61 10.92
CA ASN A 418 -15.01 -27.77 11.49
C ASN A 418 -15.92 -26.55 11.27
N PHE A 419 -15.32 -25.40 10.95
CA PHE A 419 -16.07 -24.25 10.48
C PHE A 419 -16.58 -24.55 9.09
N LEU A 420 -15.67 -24.56 8.12
CA LEU A 420 -16.09 -24.69 6.73
C LEU A 420 -16.71 -26.04 6.32
N MET A 421 -16.59 -27.07 7.16
CA MET A 421 -17.24 -28.35 6.89
C MET A 421 -17.58 -29.16 8.14
N PRO A 422 -18.75 -28.89 8.73
CA PRO A 422 -19.28 -29.62 9.89
C PRO A 422 -19.42 -31.12 9.67
N GLY A 423 -18.28 -31.81 9.52
CA GLY A 423 -18.28 -33.25 9.36
C GLY A 423 -16.90 -33.88 9.28
N ARG A 424 -16.04 -33.59 10.26
CA ARG A 424 -14.66 -34.10 10.29
C ARG A 424 -14.30 -34.91 11.57
N PHE A 425 -13.11 -34.69 12.14
CA PHE A 425 -12.60 -35.55 13.24
C PHE A 425 -12.68 -34.94 14.65
N ASN A 435 -1.74 -39.48 25.81
CA ASN A 435 -0.92 -39.86 24.66
C ASN A 435 0.51 -39.30 24.74
N GLN A 436 1.49 -40.13 24.41
CA GLN A 436 2.87 -39.68 24.25
C GLN A 436 2.95 -38.70 23.07
N ASP A 437 3.97 -37.83 23.06
CA ASP A 437 4.10 -36.80 22.02
C ASP A 437 4.30 -37.34 20.61
N GLU A 438 4.61 -38.63 20.52
CA GLU A 438 4.66 -39.35 19.26
C GLU A 438 3.26 -39.43 18.68
N GLU A 439 2.27 -39.65 19.55
CA GLU A 439 0.89 -39.90 19.16
C GLU A 439 0.14 -38.62 18.80
N GLN A 440 0.51 -37.50 19.40
CA GLN A 440 -0.04 -36.21 18.99
C GLN A 440 0.73 -35.63 17.82
N GLU A 441 1.80 -36.33 17.42
CA GLU A 441 2.66 -35.89 16.32
C GLU A 441 2.24 -36.55 15.00
N GLU A 442 1.76 -37.78 15.08
CA GLU A 442 1.23 -38.48 13.92
C GLU A 442 -0.18 -37.98 13.65
N TYR A 443 -0.96 -37.80 14.71
CA TYR A 443 -2.32 -37.30 14.59
C TYR A 443 -2.35 -35.97 13.85
N ILE A 444 -1.49 -35.03 14.25
CA ILE A 444 -1.37 -33.73 13.55
C ILE A 444 -0.84 -33.96 12.14
N HIS A 445 0.04 -34.95 11.98
CA HIS A 445 0.58 -35.25 10.66
C HIS A 445 -0.43 -35.92 9.71
N ASP A 446 -1.26 -36.82 10.25
CA ASP A 446 -2.32 -37.47 9.46
C ASP A 446 -3.31 -36.43 9.00
N LEU A 447 -3.96 -35.78 9.96
CA LEU A 447 -4.94 -34.73 9.70
C LEU A 447 -4.34 -33.59 8.88
N HIS A 448 -3.01 -33.58 8.76
CA HIS A 448 -2.30 -32.68 7.87
C HIS A 448 -2.70 -33.02 6.43
N ARG A 449 -2.16 -34.13 5.94
CA ARG A 449 -2.50 -34.66 4.62
C ARG A 449 -4.01 -34.82 4.45
N ARG A 450 -4.68 -35.26 5.52
CA ARG A 450 -6.13 -35.50 5.54
C ARG A 450 -6.93 -34.29 5.02
N ILE A 451 -6.26 -33.16 4.84
CA ILE A 451 -6.95 -32.01 4.33
C ILE A 451 -6.14 -31.27 3.26
N GLN A 452 -5.20 -31.99 2.66
CA GLN A 452 -4.53 -31.59 1.43
C GLN A 452 -5.48 -31.07 0.36
N PRO A 453 -6.58 -31.82 0.10
CA PRO A 453 -7.53 -31.54 -0.97
C PRO A 453 -8.19 -30.18 -0.93
N PHE A 454 -8.26 -29.57 0.25
CA PHE A 454 -8.98 -28.32 0.39
C PHE A 454 -8.06 -27.10 0.41
N ILE A 455 -6.80 -27.29 0.04
CA ILE A 455 -5.84 -26.19 0.15
C ILE A 455 -5.13 -25.79 -1.14
N LEU A 456 -4.98 -24.48 -1.33
CA LEU A 456 -4.16 -23.94 -2.39
C LEU A 456 -3.08 -23.01 -1.84
N ARG A 457 -1.82 -23.40 -2.05
CA ARG A 457 -0.66 -22.66 -1.58
C ARG A 457 0.50 -22.68 -2.57
N ARG A 458 0.85 -21.50 -3.10
CA ARG A 458 1.96 -21.35 -4.04
C ARG A 458 2.80 -20.17 -3.58
N LEU A 459 4.08 -20.17 -3.94
CA LEU A 459 4.98 -19.12 -3.50
C LEU A 459 5.81 -18.62 -4.64
N LYS A 460 6.16 -17.34 -4.58
CA LYS A 460 7.13 -16.72 -5.47
C LYS A 460 7.75 -17.67 -6.51
N LYS A 461 8.45 -18.71 -6.05
CA LYS A 461 9.22 -19.64 -6.90
C LYS A 461 8.36 -20.45 -7.87
N ASP A 462 7.14 -20.76 -7.43
CA ASP A 462 6.20 -21.54 -8.22
C ASP A 462 5.60 -20.71 -9.35
N VAL A 463 5.67 -19.40 -9.22
CA VAL A 463 5.11 -18.53 -10.21
C VAL A 463 6.21 -17.65 -10.77
N GLU A 464 7.48 -18.04 -10.56
CA GLU A 464 8.63 -17.30 -11.07
C GLU A 464 8.50 -17.20 -12.57
N LYS A 465 8.00 -18.28 -13.15
CA LYS A 465 7.66 -18.28 -14.55
C LYS A 465 6.61 -17.20 -14.80
N SER A 466 5.71 -17.00 -13.84
CA SER A 466 4.60 -16.04 -14.01
C SER A 466 4.91 -14.58 -13.73
N LEU A 467 5.93 -14.32 -12.92
CA LEU A 467 6.13 -12.98 -12.40
C LEU A 467 7.51 -12.40 -12.61
N PRO A 468 7.61 -11.08 -12.51
CA PRO A 468 8.84 -10.31 -12.48
C PRO A 468 9.69 -10.68 -11.26
N SER A 469 10.46 -11.75 -11.41
CA SER A 469 11.42 -12.17 -10.39
C SER A 469 12.33 -11.00 -10.05
N LYS A 470 12.87 -11.01 -8.82
CA LYS A 470 13.90 -10.04 -8.43
C LYS A 470 15.05 -10.65 -7.62
N THR A 471 15.88 -9.79 -7.05
CA THR A 471 17.16 -10.22 -6.50
C THR A 471 17.79 -9.20 -5.54
N GLU A 472 17.60 -9.40 -4.23
CA GLU A 472 18.15 -8.48 -3.19
C GLU A 472 19.55 -8.81 -2.68
N ARG A 473 20.52 -7.99 -3.07
CA ARG A 473 21.90 -8.22 -2.69
C ARG A 473 22.38 -7.13 -1.75
N ILE A 474 23.15 -7.54 -0.75
CA ILE A 474 23.77 -6.57 0.16
C ILE A 474 25.25 -6.45 -0.12
N LEU A 475 25.59 -5.34 -0.73
CA LEU A 475 26.96 -5.04 -1.01
C LEU A 475 27.38 -4.19 0.14
N ARG A 476 28.46 -4.63 0.78
CA ARG A 476 28.97 -4.04 2.02
C ARG A 476 30.33 -3.44 1.68
N VAL A 477 30.52 -2.14 1.89
CA VAL A 477 31.83 -1.49 1.61
C VAL A 477 32.58 -0.98 2.86
N GLU A 478 33.89 -0.77 2.72
CA GLU A 478 34.67 -0.10 3.75
C GLU A 478 34.32 1.39 3.86
N LEU A 479 34.72 2.03 4.95
CA LEU A 479 34.61 3.48 5.04
C LEU A 479 35.88 4.08 4.45
N SER A 480 35.76 5.20 3.73
CA SER A 480 36.94 5.89 3.19
C SER A 480 37.84 6.35 4.30
N ASP A 481 39.13 6.50 4.01
CA ASP A 481 40.07 6.96 5.05
C ASP A 481 39.49 8.14 5.81
N VAL A 482 38.78 8.99 5.06
CA VAL A 482 38.07 10.14 5.57
C VAL A 482 36.97 9.67 6.51
N GLN A 483 35.92 9.08 5.93
CA GLN A 483 34.79 8.59 6.70
C GLN A 483 35.25 8.03 8.02
N THR A 484 36.15 7.04 7.94
CA THR A 484 36.76 6.42 9.10
C THR A 484 37.03 7.49 10.14
N GLU A 485 37.96 8.36 9.84
CA GLU A 485 38.35 9.36 10.79
C GLU A 485 37.18 10.20 11.32
N TYR A 486 36.24 10.56 10.45
CA TYR A 486 35.06 11.30 10.89
C TYR A 486 34.31 10.53 11.96
N TYR A 487 33.90 9.33 11.59
CA TYR A 487 33.24 8.43 12.49
C TYR A 487 34.00 8.51 13.75
N LYS A 488 35.21 7.99 13.66
CA LYS A 488 36.06 7.72 14.79
C LYS A 488 36.15 8.94 15.74
N ASN A 489 36.18 10.16 15.19
CA ASN A 489 36.20 11.39 16.00
C ASN A 489 34.86 11.66 16.66
N ILE A 490 33.79 11.34 15.93
CA ILE A 490 32.43 11.61 16.40
C ILE A 490 32.24 10.78 17.61
N LEU A 491 32.76 9.57 17.54
CA LEU A 491 32.73 8.70 18.68
C LEU A 491 33.36 9.40 19.86
N THR A 492 34.64 9.72 19.72
CA THR A 492 35.37 10.31 20.80
C THR A 492 34.48 11.26 21.58
N LYS A 493 33.94 12.25 20.87
CA LYS A 493 33.21 13.34 21.53
C LYS A 493 32.24 12.91 22.65
N ASN A 494 31.52 11.83 22.42
CA ASN A 494 30.33 11.57 23.20
C ASN A 494 30.46 10.54 24.33
N TYR A 495 29.35 9.83 24.59
CA TYR A 495 29.06 9.14 25.88
C TYR A 495 29.83 9.76 27.07
N SER A 496 29.25 10.81 27.65
CA SER A 496 29.95 11.70 28.56
C SER A 496 29.31 11.83 29.95
N PHE A 507 17.24 11.03 24.87
CA PHE A 507 16.76 11.08 23.46
C PHE A 507 17.85 11.63 22.51
N SER A 508 18.89 12.24 23.09
CA SER A 508 19.99 12.83 22.32
C SER A 508 20.70 11.80 21.44
N LEU A 509 20.92 10.60 21.98
CA LEU A 509 21.52 9.49 21.21
C LEU A 509 21.13 9.53 19.74
N LEU A 510 19.93 10.01 19.47
CA LEU A 510 19.45 10.05 18.12
C LEU A 510 20.39 10.76 17.15
N ASN A 511 20.73 12.02 17.39
CA ASN A 511 21.56 12.75 16.40
C ASN A 511 22.89 12.07 16.30
N ILE A 512 23.28 11.46 17.42
CA ILE A 512 24.50 10.70 17.50
C ILE A 512 24.44 9.57 16.48
N MET A 513 23.36 8.80 16.54
CA MET A 513 23.04 7.85 15.47
C MET A 513 23.14 8.60 14.14
N ASN A 514 22.35 9.65 13.98
CA ASN A 514 22.38 10.40 12.73
C ASN A 514 23.75 10.75 12.24
N GLU A 515 24.57 11.32 13.12
CA GLU A 515 25.93 11.71 12.73
C GLU A 515 26.68 10.51 12.15
N LEU A 516 26.57 9.37 12.83
CA LEU A 516 27.21 8.17 12.34
C LEU A 516 26.59 7.76 11.02
N LYS A 517 25.28 7.67 11.00
CA LYS A 517 24.59 7.34 9.76
C LYS A 517 25.19 8.19 8.64
N LYS A 518 25.26 9.51 8.89
CA LYS A 518 25.77 10.47 7.91
C LYS A 518 27.15 10.06 7.48
N ALA A 519 28.07 10.08 8.45
CA ALA A 519 29.42 9.61 8.25
C ALA A 519 29.51 8.35 7.37
N SER A 520 28.60 7.42 7.59
CA SER A 520 28.67 6.16 6.89
C SER A 520 28.29 6.31 5.46
N ASN A 521 27.37 7.22 5.19
CA ASN A 521 26.95 7.44 3.82
C ASN A 521 27.98 8.25 3.08
N HIS A 522 28.20 9.50 3.50
CA HIS A 522 29.16 10.34 2.83
C HIS A 522 29.59 11.49 3.73
N PRO A 523 30.89 11.82 3.76
CA PRO A 523 31.43 12.88 4.59
C PRO A 523 30.90 14.24 4.18
N TYR A 524 30.54 14.37 2.92
CA TYR A 524 30.08 15.64 2.40
C TYR A 524 28.80 16.12 3.05
N LEU A 525 28.02 15.22 3.63
CA LEU A 525 26.83 15.58 4.41
C LEU A 525 27.13 16.62 5.47
N PHE A 526 28.37 16.53 5.94
CA PHE A 526 28.94 17.42 6.92
C PHE A 526 29.47 18.70 6.36
N ASP A 527 29.61 19.67 7.25
CA ASP A 527 29.77 21.01 6.80
C ASP A 527 31.10 21.35 6.20
N ASN A 528 32.19 21.05 6.85
CA ASN A 528 33.40 21.45 6.19
C ASN A 528 33.96 20.44 5.21
N ALA A 529 33.69 19.17 5.45
CA ALA A 529 33.96 18.14 4.48
C ALA A 529 34.65 18.65 3.22
N GLU A 530 33.88 18.88 2.16
CA GLU A 530 34.45 19.11 0.83
C GLU A 530 35.65 20.05 0.92
N GLU A 531 35.41 21.23 1.49
CA GLU A 531 36.44 22.26 1.71
C GLU A 531 37.71 21.63 2.28
N ARG A 532 37.55 20.72 3.24
CA ARG A 532 38.68 20.13 3.93
C ARG A 532 39.36 19.13 3.03
N VAL A 533 38.56 18.28 2.39
CA VAL A 533 39.05 17.19 1.57
C VAL A 533 40.11 17.71 0.62
N LEU A 534 39.67 18.56 -0.30
CA LEU A 534 40.52 19.05 -1.34
C LEU A 534 41.48 20.10 -0.86
N GLN A 535 42.48 19.63 -0.13
CA GLN A 535 43.71 20.37 0.04
C GLN A 535 44.65 20.02 -1.11
N LYS A 536 44.22 20.42 -2.30
CA LYS A 536 44.99 20.30 -3.53
C LYS A 536 44.46 21.26 -4.63
N PHE A 537 44.53 22.56 -4.35
CA PHE A 537 44.05 23.64 -5.24
C PHE A 537 44.97 23.86 -6.46
N MET A 542 40.38 26.45 -9.01
CA MET A 542 40.46 25.12 -8.41
C MET A 542 39.70 24.04 -9.20
N THR A 543 40.44 23.28 -10.00
CA THR A 543 39.98 22.11 -10.81
C THR A 543 38.59 21.48 -10.58
N ARG A 544 38.04 20.94 -11.68
CA ARG A 544 36.69 20.34 -11.74
C ARG A 544 36.75 18.81 -11.83
N GLU A 545 37.76 18.31 -12.53
CA GLU A 545 38.07 16.89 -12.50
C GLU A 545 38.27 16.47 -11.05
N ASN A 546 39.14 17.21 -10.38
CA ASN A 546 39.46 17.03 -8.97
C ASN A 546 38.21 17.05 -8.10
N VAL A 547 37.22 17.87 -8.45
CA VAL A 547 36.02 18.03 -7.62
C VAL A 547 35.22 16.74 -7.52
N LEU A 548 35.26 15.95 -8.59
CA LEU A 548 34.69 14.63 -8.56
C LEU A 548 35.65 13.74 -7.83
N ARG A 549 36.89 13.74 -8.33
CA ARG A 549 38.00 12.95 -7.80
C ARG A 549 37.99 12.72 -6.29
N GLY A 550 37.57 13.74 -5.55
CA GLY A 550 37.54 13.69 -4.10
C GLY A 550 36.14 13.39 -3.67
N LEU A 551 35.17 13.89 -4.44
CA LEU A 551 33.75 13.68 -4.19
C LEU A 551 33.36 12.22 -4.21
N ILE A 552 33.97 11.47 -5.11
CA ILE A 552 33.73 10.04 -5.23
C ILE A 552 34.48 9.28 -4.13
N MET A 553 35.78 9.55 -4.06
CA MET A 553 36.75 8.71 -3.37
C MET A 553 36.80 8.92 -1.88
N SER A 554 36.20 9.99 -1.42
CA SER A 554 36.06 10.12 0.00
C SER A 554 34.88 9.30 0.54
N SER A 555 34.26 8.48 -0.32
CA SER A 555 33.12 7.76 0.16
C SER A 555 32.99 6.30 -0.24
N GLY A 556 33.14 5.45 0.77
CA GLY A 556 32.94 4.02 0.66
C GLY A 556 31.88 3.71 -0.36
N LYS A 557 30.65 4.11 -0.05
CA LYS A 557 29.52 3.87 -0.95
C LYS A 557 29.76 4.39 -2.35
N MET A 558 30.12 5.67 -2.45
CA MET A 558 30.30 6.31 -3.77
C MET A 558 31.28 5.52 -4.62
N VAL A 559 32.47 5.30 -4.05
CA VAL A 559 33.52 4.61 -4.77
C VAL A 559 32.98 3.41 -5.51
N LEU A 560 32.33 2.54 -4.72
CA LEU A 560 31.68 1.35 -5.20
C LEU A 560 30.74 1.74 -6.32
N LEU A 561 29.76 2.55 -5.95
CA LEU A 561 28.66 2.91 -6.81
C LEU A 561 29.19 3.39 -8.12
N ASP A 562 30.21 4.27 -8.05
CA ASP A 562 30.83 4.86 -9.23
C ASP A 562 30.91 3.87 -10.38
N GLN A 563 31.74 2.84 -10.24
CA GLN A 563 31.88 1.90 -11.33
C GLN A 563 30.70 0.97 -11.42
N LEU A 564 29.93 0.81 -10.34
CA LEU A 564 28.68 0.08 -10.46
C LEU A 564 27.80 0.70 -11.56
N LEU A 565 27.57 2.01 -11.51
CA LEU A 565 26.85 2.64 -12.61
C LEU A 565 27.66 2.40 -13.86
N THR A 566 28.79 3.09 -13.98
CA THR A 566 29.78 2.84 -15.03
C THR A 566 29.51 1.50 -15.75
N ARG A 567 29.43 0.43 -14.97
CA ARG A 567 29.26 -0.94 -15.49
C ARG A 567 27.85 -1.28 -15.94
N LEU A 568 26.85 -1.02 -15.11
CA LEU A 568 25.48 -1.40 -15.46
C LEU A 568 24.87 -0.37 -16.41
N LYS A 569 25.51 0.77 -16.51
CA LYS A 569 25.11 1.77 -17.46
C LYS A 569 25.82 1.49 -18.79
N LYS A 570 26.75 0.55 -18.78
CA LYS A 570 27.30 -0.04 -19.99
C LYS A 570 26.33 -1.11 -20.55
N ASP A 571 25.53 -1.69 -19.65
CA ASP A 571 24.56 -2.71 -20.00
C ASP A 571 23.17 -2.09 -20.19
N GLY A 572 23.15 -0.77 -20.14
CA GLY A 572 21.94 -0.02 -20.44
C GLY A 572 20.87 -0.12 -19.38
N HIS A 573 21.18 -0.83 -18.29
CA HIS A 573 20.28 -0.88 -17.13
C HIS A 573 19.79 0.54 -16.75
N ARG A 574 18.47 0.71 -16.83
CA ARG A 574 17.80 1.91 -16.38
C ARG A 574 17.68 1.82 -14.86
N VAL A 575 18.19 2.83 -14.16
CA VAL A 575 18.47 2.66 -12.71
C VAL A 575 17.83 3.64 -11.68
N LEU A 576 17.15 3.07 -10.69
CA LEU A 576 16.62 3.84 -9.55
C LEU A 576 17.60 3.88 -8.37
N ILE A 577 17.54 4.95 -7.57
CA ILE A 577 18.37 5.11 -6.35
C ILE A 577 17.60 5.83 -5.26
N PHE A 578 17.60 5.28 -4.04
CA PHE A 578 16.87 5.89 -2.93
C PHE A 578 17.81 6.15 -1.80
N SER A 579 17.45 7.12 -0.94
CA SER A 579 18.16 7.39 0.33
C SER A 579 17.21 7.98 1.34
N GLN A 580 17.62 7.90 2.59
CA GLN A 580 16.92 8.57 3.68
C GLN A 580 17.15 10.09 3.62
N MET A 581 18.44 10.38 3.40
CA MET A 581 19.01 11.71 3.42
C MET A 581 18.88 12.39 2.06
N VAL A 582 18.10 13.47 2.08
CA VAL A 582 17.85 14.20 0.86
C VAL A 582 19.14 14.92 0.55
N ARG A 583 19.80 15.41 1.59
CA ARG A 583 21.12 15.98 1.41
C ARG A 583 22.03 15.08 0.55
N MET A 584 22.02 13.77 0.84
CA MET A 584 22.87 12.79 0.14
C MET A 584 22.44 12.76 -1.31
N LEU A 585 21.13 12.76 -1.53
CA LEU A 585 20.59 12.84 -2.87
C LEU A 585 21.24 13.98 -3.64
N ASP A 586 21.22 15.16 -3.02
CA ASP A 586 21.92 16.32 -3.55
C ASP A 586 23.30 15.96 -4.04
N ILE A 587 24.03 15.20 -3.22
CA ILE A 587 25.42 14.94 -3.45
C ILE A 587 25.62 14.08 -4.69
N LEU A 588 24.81 13.03 -4.83
CA LEU A 588 24.75 12.27 -6.08
C LEU A 588 24.34 13.20 -7.20
N GLY A 589 23.23 13.92 -6.95
CA GLY A 589 22.80 15.04 -7.77
C GLY A 589 23.99 15.77 -8.34
N ASP A 590 24.93 16.15 -7.46
CA ASP A 590 26.21 16.68 -7.89
C ASP A 590 26.89 15.69 -8.79
N TYR A 591 27.32 14.57 -8.21
CA TYR A 591 28.04 13.55 -8.96
C TYR A 591 27.63 13.45 -10.43
N LEU A 592 26.33 13.24 -10.66
CA LEU A 592 25.85 12.85 -11.97
C LEU A 592 26.00 13.95 -13.00
N SER A 593 25.62 15.15 -12.61
CA SER A 593 25.80 16.31 -13.47
C SER A 593 27.28 16.46 -13.89
N ILE A 594 28.21 16.16 -12.98
CA ILE A 594 29.65 16.28 -13.28
C ILE A 594 30.07 15.22 -14.29
N LYS A 595 29.54 14.02 -14.11
CA LYS A 595 29.82 12.89 -14.99
C LYS A 595 29.12 13.02 -16.33
N GLY A 596 27.99 13.73 -16.34
CA GLY A 596 27.27 14.08 -17.58
C GLY A 596 26.11 13.15 -17.90
N ILE A 597 25.47 12.63 -16.85
CA ILE A 597 24.45 11.59 -16.98
C ILE A 597 23.06 12.16 -16.79
N ASN A 598 22.13 11.69 -17.62
CA ASN A 598 20.76 12.15 -17.53
C ASN A 598 19.96 11.46 -16.44
N PHE A 599 19.07 12.24 -15.80
CA PHE A 599 18.20 11.78 -14.72
C PHE A 599 17.28 12.87 -14.24
N GLN A 600 16.38 12.50 -13.32
CA GLN A 600 15.81 13.47 -12.40
C GLN A 600 15.79 13.00 -10.93
N ARG A 601 15.37 13.95 -10.08
CA ARG A 601 15.28 13.80 -8.64
C ARG A 601 13.84 13.91 -8.23
N LEU A 602 13.51 13.28 -7.11
CA LEU A 602 12.18 13.34 -6.56
C LEU A 602 12.17 13.39 -5.03
N ASP A 603 11.04 13.85 -4.46
CA ASP A 603 10.71 13.77 -3.02
C ASP A 603 9.64 14.77 -2.67
N GLY A 604 9.09 14.66 -1.46
CA GLY A 604 8.00 15.51 -0.98
C GLY A 604 8.03 16.98 -1.38
N THR A 605 9.24 17.55 -1.50
CA THR A 605 9.44 18.95 -1.88
C THR A 605 8.75 19.32 -3.18
N VAL A 606 8.87 18.46 -4.18
CA VAL A 606 8.30 18.75 -5.49
C VAL A 606 6.81 18.42 -5.47
N PRO A 607 5.96 19.41 -5.81
CA PRO A 607 4.52 19.19 -5.69
C PRO A 607 4.01 18.17 -6.71
N SER A 608 2.91 17.49 -6.40
CA SER A 608 2.27 16.56 -7.31
C SER A 608 2.47 17.04 -8.73
N ALA A 609 1.80 18.16 -9.02
CA ALA A 609 1.86 18.82 -10.31
C ALA A 609 3.20 18.58 -10.98
N GLN A 610 4.26 18.91 -10.28
CA GLN A 610 5.59 18.72 -10.76
C GLN A 610 5.88 17.25 -11.00
N ARG A 611 5.90 16.46 -9.92
CA ARG A 611 6.32 15.05 -9.97
C ARG A 611 6.08 14.37 -11.30
N ARG A 612 4.82 14.42 -11.72
CA ARG A 612 4.32 13.72 -12.91
C ARG A 612 5.24 13.91 -14.10
N ILE A 613 5.96 15.00 -14.08
CA ILE A 613 6.72 15.45 -15.20
C ILE A 613 8.15 14.95 -15.12
N SER A 614 8.73 14.96 -13.92
CA SER A 614 10.01 14.29 -13.70
C SER A 614 9.84 12.77 -13.91
N ILE A 615 8.63 12.30 -13.62
CA ILE A 615 8.24 10.91 -13.81
C ILE A 615 8.09 10.59 -15.30
N ASP A 616 7.01 11.10 -15.90
CA ASP A 616 6.71 10.82 -17.30
C ASP A 616 7.92 10.97 -18.20
N HIS A 617 8.85 11.87 -17.86
CA HIS A 617 10.06 12.04 -18.66
C HIS A 617 11.00 10.87 -18.52
N PHE A 618 10.95 10.20 -17.37
CA PHE A 618 11.77 9.03 -17.22
C PHE A 618 11.16 7.86 -17.95
N ASN A 619 9.87 7.65 -17.74
CA ASN A 619 9.11 6.64 -18.45
C ASN A 619 8.85 7.01 -19.92
N SER A 620 9.43 8.13 -20.36
CA SER A 620 9.30 8.57 -21.74
C SER A 620 9.72 7.43 -22.66
N PRO A 621 8.84 7.12 -23.61
CA PRO A 621 8.94 6.06 -24.60
C PRO A 621 10.36 5.63 -24.93
N ASP A 622 11.32 6.52 -24.80
CA ASP A 622 12.71 6.18 -25.13
C ASP A 622 13.66 7.14 -24.45
N SER A 623 13.29 7.55 -23.24
CA SER A 623 13.98 8.64 -22.57
C SER A 623 15.48 8.44 -22.48
N ASN A 624 16.18 9.56 -22.33
CA ASN A 624 17.61 9.59 -22.24
C ASN A 624 18.06 9.61 -20.78
N ASP A 625 17.09 9.69 -19.89
CA ASP A 625 17.35 9.51 -18.47
C ASP A 625 17.75 8.08 -18.27
N PHE A 626 18.91 7.87 -17.64
CA PHE A 626 19.52 6.54 -17.49
C PHE A 626 19.86 6.28 -15.99
N VAL A 627 19.10 6.98 -15.13
CA VAL A 627 19.14 6.99 -13.63
C VAL A 627 18.02 7.89 -13.06
N PHE A 628 17.61 7.72 -11.81
CA PHE A 628 16.53 8.58 -11.25
C PHE A 628 16.50 8.55 -9.75
N LEU A 629 16.80 9.70 -9.15
CA LEU A 629 17.01 9.83 -7.72
C LEU A 629 15.73 9.98 -6.96
N LEU A 630 15.67 9.35 -5.79
CA LEU A 630 14.48 9.48 -4.93
C LEU A 630 14.75 9.44 -3.43
N SER A 631 13.90 10.12 -2.68
CA SER A 631 13.82 9.90 -1.25
C SER A 631 13.21 8.54 -1.05
N THR A 632 13.63 7.89 0.03
CA THR A 632 13.09 6.59 0.39
C THR A 632 11.58 6.74 0.72
N ARG A 633 11.24 7.80 1.45
CA ARG A 633 9.86 8.05 1.82
C ARG A 633 9.02 8.38 0.60
N ALA A 634 9.69 8.96 -0.41
CA ALA A 634 9.05 9.26 -1.69
C ALA A 634 8.34 8.00 -2.17
N GLY A 635 9.05 6.89 -2.01
CA GLY A 635 8.59 5.57 -2.42
C GLY A 635 7.18 5.22 -2.04
N GLY A 636 6.88 5.26 -0.74
CA GLY A 636 5.55 4.94 -0.23
C GLY A 636 4.43 5.69 -0.92
N LEU A 637 4.74 6.31 -2.07
CA LEU A 637 3.83 7.22 -2.75
C LEU A 637 2.67 6.55 -3.53
N GLY A 638 3.03 5.77 -4.54
CA GLY A 638 2.07 5.15 -5.45
C GLY A 638 2.49 5.34 -6.89
N ILE A 639 3.80 5.35 -7.11
CA ILE A 639 4.45 5.87 -8.31
C ILE A 639 5.16 4.78 -9.14
N ASN A 640 4.66 4.50 -10.35
CA ASN A 640 5.20 3.36 -11.15
C ASN A 640 6.26 3.67 -12.22
N LEU A 641 7.50 3.25 -11.93
CA LEU A 641 8.65 3.40 -12.83
C LEU A 641 9.24 2.07 -13.32
N MET A 642 8.39 1.19 -13.84
CA MET A 642 8.83 -0.05 -14.46
C MET A 642 9.94 0.12 -15.49
N THR A 643 10.08 1.33 -16.04
CA THR A 643 11.10 1.62 -17.06
C THR A 643 12.51 1.48 -16.50
N ALA A 644 12.62 1.25 -15.21
CA ALA A 644 13.89 0.88 -14.57
C ALA A 644 13.94 -0.62 -14.29
N ASP A 645 15.12 -1.20 -14.46
CA ASP A 645 15.33 -2.65 -14.20
C ASP A 645 16.19 -2.91 -12.96
N THR A 646 16.53 -1.84 -12.24
CA THR A 646 17.52 -1.91 -11.20
C THR A 646 17.33 -0.83 -10.14
N VAL A 647 17.22 -1.26 -8.90
CA VAL A 647 17.03 -0.38 -7.74
C VAL A 647 18.26 -0.41 -6.83
N VAL A 648 18.62 0.76 -6.30
CA VAL A 648 19.66 0.86 -5.29
C VAL A 648 19.09 1.46 -4.00
N ILE A 649 19.28 0.75 -2.90
CA ILE A 649 19.09 1.38 -1.63
C ILE A 649 20.45 1.84 -1.14
N PHE A 650 20.61 3.15 -1.01
CA PHE A 650 21.80 3.70 -0.42
C PHE A 650 21.83 3.45 1.08
N ASP A 651 20.66 3.48 1.71
CA ASP A 651 20.50 3.25 3.16
C ASP A 651 19.02 3.05 3.58
N SER A 652 18.82 2.27 4.63
CA SER A 652 17.48 1.77 4.94
C SER A 652 16.96 2.25 6.29
N ASP A 653 15.71 1.90 6.63
CA ASP A 653 14.98 2.41 7.85
C ASP A 653 14.89 1.45 9.04
N TRP A 654 14.65 1.99 10.28
CA TRP A 654 13.99 1.16 11.33
C TRP A 654 13.04 0.20 10.54
N ASN A 655 12.29 0.75 9.57
CA ASN A 655 11.26 0.01 8.87
C ASN A 655 11.73 -0.50 7.52
N PRO A 656 11.75 -1.84 7.34
CA PRO A 656 12.25 -2.40 6.10
C PRO A 656 11.21 -2.24 5.03
N GLN A 657 9.95 -2.22 5.45
CA GLN A 657 8.84 -2.12 4.51
C GLN A 657 8.92 -0.86 3.72
N ALA A 658 9.41 0.19 4.38
CA ALA A 658 9.63 1.47 3.75
C ALA A 658 10.57 1.29 2.57
N ASP A 659 11.47 0.34 2.69
CA ASP A 659 12.38 0.05 1.61
C ASP A 659 11.68 -0.79 0.55
N LEU A 660 10.80 -1.70 0.95
CA LEU A 660 10.13 -2.53 -0.04
C LEU A 660 9.08 -1.73 -0.83
N GLN A 661 8.43 -0.76 -0.17
CA GLN A 661 7.52 0.17 -0.85
C GLN A 661 8.24 0.78 -2.03
N ALA A 662 9.44 1.27 -1.70
CA ALA A 662 10.34 1.96 -2.60
C ALA A 662 10.89 1.01 -3.63
N MET A 663 11.16 -0.23 -3.21
CA MET A 663 11.54 -1.28 -4.13
C MET A 663 10.42 -1.40 -5.17
N ALA A 664 9.20 -1.73 -4.72
CA ALA A 664 8.09 -2.04 -5.61
C ALA A 664 7.53 -0.81 -6.34
N ARG A 665 8.43 0.09 -6.71
CA ARG A 665 8.15 1.21 -7.60
C ARG A 665 8.69 0.83 -8.97
N ALA A 666 9.44 -0.27 -8.99
CA ALA A 666 9.90 -0.93 -10.21
C ALA A 666 9.75 -2.45 -10.11
N HIS A 667 9.28 -2.92 -8.95
CA HIS A 667 8.90 -4.32 -8.79
C HIS A 667 7.38 -4.49 -9.00
N ARG A 668 6.84 -3.70 -9.94
CA ARG A 668 5.40 -3.46 -9.98
C ARG A 668 4.62 -4.32 -10.96
N ILE A 669 4.68 -5.64 -10.75
CA ILE A 669 3.68 -6.62 -11.26
C ILE A 669 3.04 -6.28 -12.64
N GLY A 670 3.75 -5.42 -13.35
CA GLY A 670 3.57 -5.12 -14.76
C GLY A 670 4.96 -4.70 -15.19
N GLN A 671 5.97 -5.16 -14.43
CA GLN A 671 7.39 -5.02 -14.78
C GLN A 671 7.67 -5.99 -15.92
N LYS A 672 8.71 -5.73 -16.71
CA LYS A 672 8.97 -6.54 -17.92
C LYS A 672 10.39 -7.14 -17.92
N ASN A 673 11.17 -6.74 -16.94
CA ASN A 673 12.54 -7.21 -16.78
C ASN A 673 12.68 -7.98 -15.48
N HIS A 674 13.88 -8.48 -15.24
CA HIS A 674 14.26 -9.01 -13.93
C HIS A 674 14.85 -7.85 -13.17
N VAL A 675 14.40 -7.71 -11.94
CA VAL A 675 14.69 -6.54 -11.12
C VAL A 675 15.85 -6.81 -10.16
N MET A 676 16.90 -6.01 -10.29
CA MET A 676 18.13 -6.19 -9.51
C MET A 676 18.22 -5.10 -8.43
N VAL A 677 18.36 -5.52 -7.16
CA VAL A 677 18.22 -4.60 -6.03
C VAL A 677 19.44 -4.66 -5.15
N TYR A 678 20.19 -3.57 -5.12
CA TYR A 678 21.41 -3.50 -4.32
C TYR A 678 21.23 -2.63 -3.12
N ARG A 679 21.36 -3.23 -1.93
CA ARG A 679 21.28 -2.51 -0.65
C ARG A 679 22.71 -2.17 -0.23
N LEU A 680 22.98 -0.93 0.12
CA LEU A 680 24.34 -0.55 0.42
C LEU A 680 24.59 -0.39 1.90
N VAL A 681 25.66 -1.02 2.37
CA VAL A 681 26.09 -0.93 3.77
C VAL A 681 27.60 -0.72 3.91
N SER A 682 28.03 0.08 4.89
CA SER A 682 29.44 0.20 5.14
C SER A 682 29.88 -0.71 6.28
N LYS A 683 31.01 -1.38 6.06
CA LYS A 683 31.51 -2.43 6.94
C LYS A 683 31.97 -1.91 8.29
N ASP A 684 31.52 -2.62 9.33
CA ASP A 684 31.80 -2.34 10.73
C ASP A 684 31.15 -1.03 11.22
N THR A 685 30.24 -0.54 10.40
CA THR A 685 29.38 0.60 10.69
C THR A 685 28.15 0.23 11.51
N VAL A 686 27.58 1.21 12.19
CA VAL A 686 26.28 1.06 12.84
C VAL A 686 25.25 0.70 11.79
N GLU A 687 25.57 0.97 10.53
CA GLU A 687 24.63 0.74 9.48
C GLU A 687 24.05 -0.66 9.46
N GLU A 688 24.90 -1.66 9.66
CA GLU A 688 24.47 -3.05 9.56
C GLU A 688 23.65 -3.48 10.71
N GLU A 689 23.87 -2.86 11.86
CA GLU A 689 22.96 -3.12 12.94
C GLU A 689 21.55 -2.65 12.63
N VAL A 690 21.42 -1.52 11.93
CA VAL A 690 20.07 -1.02 11.58
C VAL A 690 19.38 -1.94 10.59
N LEU A 691 20.18 -2.59 9.74
CA LEU A 691 19.62 -3.44 8.72
C LEU A 691 19.36 -4.86 9.25
N GLU A 692 20.31 -5.39 10.01
CA GLU A 692 20.06 -6.64 10.68
C GLU A 692 18.92 -6.53 11.67
N ARG A 693 18.62 -5.31 12.08
CA ARG A 693 17.42 -5.06 12.87
C ARG A 693 16.22 -5.21 11.96
N ALA A 694 16.35 -4.63 10.78
CA ALA A 694 15.23 -4.51 9.87
C ALA A 694 14.67 -5.89 9.58
N ARG A 695 15.52 -6.74 9.02
CA ARG A 695 15.13 -8.11 8.72
C ARG A 695 14.45 -8.64 9.93
N LYS A 696 15.24 -8.82 10.98
CA LYS A 696 14.80 -9.53 12.17
C LYS A 696 13.42 -9.11 12.71
N LYS A 697 12.96 -7.91 12.34
CA LYS A 697 11.57 -7.51 12.62
C LYS A 697 10.71 -7.94 11.45
N MET A 698 11.05 -7.40 10.28
CA MET A 698 10.38 -7.76 9.05
C MET A 698 10.54 -9.24 8.68
N ILE A 699 10.64 -10.12 9.68
CA ILE A 699 10.29 -11.50 9.43
C ILE A 699 8.99 -11.79 10.19
N LEU A 700 8.82 -11.12 11.33
CA LEU A 700 7.57 -11.26 12.09
C LEU A 700 6.43 -10.44 11.47
N GLU A 701 5.61 -11.08 10.63
CA GLU A 701 4.86 -10.35 9.62
C GLU A 701 3.35 -10.63 9.53
N TYR A 702 2.72 -10.05 8.51
CA TYR A 702 1.40 -10.47 7.99
C TYR A 702 0.36 -10.74 9.08
N ASN A 719 7.98 5.79 12.97
CA ASN A 719 8.88 4.73 12.48
C ASN A 719 10.34 4.99 12.89
N GLU A 720 10.69 4.61 14.13
CA GLU A 720 12.03 4.92 14.74
C GLU A 720 12.56 4.01 15.90
N PRO A 721 13.85 3.54 15.76
CA PRO A 721 14.60 2.80 16.83
C PRO A 721 14.39 3.37 18.25
N ASN A 722 14.12 2.51 19.23
CA ASN A 722 13.88 2.93 20.62
C ASN A 722 15.06 3.65 21.19
N ALA A 723 14.80 4.55 22.12
CA ALA A 723 15.87 5.16 22.89
C ALA A 723 16.53 4.06 23.69
N GLY A 724 15.69 3.17 24.24
CA GLY A 724 16.16 2.02 25.01
C GLY A 724 17.13 1.20 24.20
N GLU A 725 16.57 0.40 23.28
CA GLU A 725 17.38 -0.49 22.46
C GLU A 725 18.57 0.22 21.83
N LEU A 726 18.42 1.53 21.60
CA LEU A 726 19.41 2.36 20.93
C LEU A 726 20.76 2.34 21.62
N SER A 727 20.70 2.30 22.95
CA SER A 727 21.89 2.21 23.78
C SER A 727 22.78 1.08 23.29
N ALA A 728 22.22 -0.12 23.24
CA ALA A 728 22.94 -1.30 22.78
C ALA A 728 23.65 -1.08 21.43
N ILE A 729 22.82 -0.76 20.43
CA ILE A 729 23.21 -0.63 19.03
C ILE A 729 24.40 0.27 18.81
N LEU A 730 24.46 1.34 19.57
CA LEU A 730 25.61 2.18 19.56
C LEU A 730 26.73 1.61 20.41
N LYS A 731 26.40 1.23 21.65
CA LYS A 731 27.38 1.10 22.74
C LYS A 731 28.60 0.13 22.54
N PHE A 732 28.70 -0.52 21.36
CA PHE A 732 30.03 -0.92 20.75
C PHE A 732 30.00 -1.23 19.22
N GLY A 733 31.10 -0.86 18.56
CA GLY A 733 31.33 -1.07 17.11
C GLY A 733 32.48 -0.15 16.76
N ALA A 734 33.34 0.06 17.75
CA ALA A 734 34.06 1.31 17.84
C ALA A 734 35.59 1.27 17.57
N GLY A 735 36.30 0.34 18.26
CA GLY A 735 37.77 0.15 18.17
C GLY A 735 38.13 -1.01 17.22
N ASN A 736 37.21 -1.97 17.10
CA ASN A 736 37.20 -2.98 16.03
C ASN A 736 37.05 -2.32 14.62
N MET A 737 36.46 -1.13 14.59
CA MET A 737 36.57 -0.19 13.46
C MET A 737 38.09 0.14 13.23
N PHE A 738 38.73 -0.62 12.31
CA PHE A 738 40.23 -0.91 12.32
C PHE A 738 41.26 0.24 12.07
N THR A 739 41.78 0.35 10.83
CA THR A 739 42.61 1.47 10.40
C THR A 739 41.76 2.38 9.54
N ALA A 740 42.32 3.54 9.19
CA ALA A 740 41.77 4.43 8.16
C ALA A 740 42.49 4.17 6.83
N THR A 741 43.82 4.33 6.87
CA THR A 741 44.67 4.08 5.71
C THR A 741 44.53 2.63 5.17
N ASP A 742 44.12 1.72 6.05
CA ASP A 742 43.76 0.37 5.65
C ASP A 742 42.51 0.33 4.84
N ASN A 743 41.47 0.91 5.41
CA ASN A 743 40.21 1.00 4.74
C ASN A 743 40.36 1.64 3.38
N GLN A 744 41.18 2.68 3.30
CA GLN A 744 41.38 3.36 2.03
C GLN A 744 42.07 2.43 1.09
N LYS A 745 43.09 1.74 1.59
CA LYS A 745 43.78 0.75 0.79
C LYS A 745 42.75 -0.18 0.20
N LYS A 746 41.85 -0.71 1.04
CA LYS A 746 40.80 -1.61 0.53
C LYS A 746 40.05 -0.94 -0.63
N LEU A 747 39.51 0.24 -0.34
CA LEU A 747 38.77 1.03 -1.32
C LEU A 747 39.63 1.25 -2.53
N GLU A 748 40.88 1.64 -2.28
CA GLU A 748 41.84 1.97 -3.33
C GLU A 748 41.61 1.02 -4.50
N ASP A 749 42.10 -0.20 -4.41
CA ASP A 749 41.99 -1.13 -5.52
C ASP A 749 40.84 -2.13 -5.33
N LEU A 750 39.75 -1.72 -4.67
CA LEU A 750 38.51 -2.51 -4.61
C LEU A 750 38.08 -2.97 -6.01
N ASN A 751 37.62 -4.21 -6.11
CA ASN A 751 37.03 -4.67 -7.38
C ASN A 751 35.55 -5.05 -7.30
N LEU A 752 34.74 -4.29 -8.03
CA LEU A 752 33.29 -4.49 -8.17
C LEU A 752 32.81 -5.95 -8.12
N ASP A 753 33.41 -6.76 -8.97
CA ASP A 753 32.96 -8.10 -9.20
C ASP A 753 32.98 -8.84 -7.90
N ASP A 754 34.15 -8.89 -7.30
CA ASP A 754 34.28 -9.59 -6.05
C ASP A 754 33.19 -9.17 -5.08
N VAL A 755 33.08 -7.87 -4.83
CA VAL A 755 32.03 -7.33 -3.94
C VAL A 755 30.64 -7.90 -4.18
N LEU A 756 30.40 -8.27 -5.43
CA LEU A 756 29.09 -8.66 -5.87
C LEU A 756 28.90 -10.17 -5.82
N ASN A 757 30.00 -10.89 -5.99
CA ASN A 757 29.96 -12.32 -5.89
C ASN A 757 30.26 -12.74 -4.47
N HIS A 758 30.57 -11.74 -3.65
CA HIS A 758 30.70 -11.99 -2.25
C HIS A 758 29.38 -11.67 -1.60
N ALA A 759 28.73 -10.62 -2.10
CA ALA A 759 27.42 -10.16 -1.62
C ALA A 759 26.51 -11.18 -0.93
N GLU A 760 26.09 -10.78 0.26
CA GLU A 760 25.14 -11.50 1.11
C GLU A 760 23.81 -11.62 0.39
N ASP A 761 22.89 -12.36 1.00
CA ASP A 761 21.48 -12.13 0.66
C ASP A 761 20.64 -11.70 1.86
N HIS A 762 19.78 -10.71 1.60
CA HIS A 762 18.81 -10.23 2.58
C HIS A 762 17.65 -11.24 2.66
N VAL A 763 17.65 -12.06 3.70
CA VAL A 763 16.65 -13.10 3.90
C VAL A 763 15.47 -12.46 4.63
N THR A 764 14.32 -12.35 3.99
CA THR A 764 13.20 -11.60 4.58
C THR A 764 11.87 -12.34 4.60
N THR A 765 11.92 -13.66 4.74
CA THR A 765 10.70 -14.44 4.74
C THR A 765 10.82 -15.71 5.55
N PRO A 766 9.96 -15.84 6.56
CA PRO A 766 10.00 -17.08 7.30
C PRO A 766 9.91 -18.19 6.28
N ASP A 767 10.75 -19.21 6.40
CA ASP A 767 10.58 -20.35 5.50
C ASP A 767 9.10 -20.57 5.44
N LEU A 768 8.56 -20.51 4.23
CA LEU A 768 7.14 -20.37 4.05
C LEU A 768 6.37 -21.67 4.13
N GLY A 769 7.08 -22.77 4.39
CA GLY A 769 6.46 -24.08 4.36
C GLY A 769 6.47 -24.55 2.93
N GLU A 770 5.74 -25.62 2.65
CA GLU A 770 5.79 -26.21 1.33
C GLU A 770 4.58 -25.81 0.50
N SER A 771 4.68 -26.03 -0.82
CA SER A 771 3.59 -25.74 -1.75
C SER A 771 2.52 -26.82 -1.68
N HIS A 772 1.28 -26.41 -1.39
CA HIS A 772 0.14 -27.30 -1.58
C HIS A 772 -0.49 -26.89 -2.88
N LEU A 773 -0.16 -27.60 -3.95
CA LEU A 773 -0.51 -27.18 -5.30
C LEU A 773 -1.88 -27.63 -5.81
N GLY A 774 -2.77 -28.00 -4.89
CA GLY A 774 -4.11 -28.38 -5.27
C GLY A 774 -4.53 -29.70 -4.71
N GLY A 775 -5.79 -30.06 -4.94
CA GLY A 775 -6.40 -31.25 -4.36
C GLY A 775 -6.32 -32.48 -5.25
N GLU A 776 -5.34 -33.34 -4.93
CA GLU A 776 -5.17 -34.68 -5.51
C GLU A 776 -6.14 -35.02 -6.63
N GLU A 777 -7.42 -35.00 -6.29
CA GLU A 777 -8.54 -35.04 -7.22
C GLU A 777 -8.35 -34.07 -8.38
N PHE A 778 -8.74 -32.82 -8.16
CA PHE A 778 -8.66 -31.73 -9.14
C PHE A 778 -7.51 -31.91 -10.13
N LEU A 779 -6.37 -32.30 -9.59
CA LEU A 779 -5.16 -32.43 -10.38
C LEU A 779 -5.45 -33.32 -11.57
N LYS A 780 -6.13 -34.43 -11.32
CA LYS A 780 -6.54 -35.36 -12.37
C LYS A 780 -7.11 -34.61 -13.57
N GLN A 781 -8.04 -33.70 -13.29
CA GLN A 781 -8.81 -32.99 -14.30
C GLN A 781 -8.05 -31.93 -15.04
N PHE A 782 -6.72 -32.00 -15.07
CA PHE A 782 -6.00 -30.89 -15.67
C PHE A 782 -4.92 -31.29 -16.66
N GLU A 783 -4.72 -32.59 -16.87
CA GLU A 783 -3.48 -33.06 -17.50
C GLU A 783 -3.59 -34.18 -18.55
#